data_6GFH
#
_entry.id   6GFH
#
_cell.length_a   59.632
_cell.length_b   60.563
_cell.length_c   84.482
_cell.angle_alpha   87.810
_cell.angle_beta   88.430
_cell.angle_gamma   63.010
#
_symmetry.space_group_name_H-M   'P 1'
#
loop_
_entity.id
_entity.type
_entity.pdbx_description
1 polymer 'Inositol-pentakisphosphate 2-kinase'
2 non-polymer 'neo-Inositol pentakisphosphate'
3 non-polymer "ADENOSINE-5'-TRIPHOSPHATE"
4 non-polymer 'MAGNESIUM ION'
5 non-polymer 'ZINC ION'
6 non-polymer 1,2-ETHANEDIOL
7 non-polymer 2-[3-(2-HYDROXY-1,1-DIHYDROXYMETHYL-ETHYLAMINO)-PROPYLAMINO]-2-HYDROXYMETHYL-PROPANE-1,3-DIOL
8 water water
#
_entity_poly.entity_id   1
_entity_poly.type   'polypeptide(L)'
_entity_poly.pdbx_seq_one_letter_code
;MAHHHHHHSSGLEVLFQGPMEMILEEKDASDWIYRGEGGANLVLAYAGSSPLFVGKVIRIQKARRNDKAIKNSNGVVSVL
TSDEQHLWRENNELISSPNKEVLEQRYVQNVIIPLLGPKHVDAGVRVSVSKEFLECVDKKVTKQRPLWRVNAANVDTSHD
SALILNDHSLFSQGITSGGDCISVEIKPKCGFLPTSRFIGKENMLKTSVSRFKMHQLLKLEYIEISEESEYDPLDLFSGS
KERVLEAIKALYSTPQNNFRVFLNGSLILGGSGESTGRTSPEIGYAFEDALKGFIQSEDGHRTECFLQLVSDAVYGSGVL
DRLLEIQKLDKLDIEGAIHCYYDIINQPCPICKEGRPLEAELSLHALPLDESLKIVKEYLIAATAKDCSIMISFQSRNAW
DSEPSGDYVSLKPTNQTFDYKVHFIDLSLKPLKRMESYYKLDKKIISFYNRKQKAENTAEQIGNSKPSHS
;
_entity_poly.pdbx_strand_id   A,B
#
# COMPACT_ATOMS: atom_id res chain seq x y z
N GLU A 13 -50.87 -25.80 -26.41
CA GLU A 13 -52.11 -26.55 -26.25
C GLU A 13 -53.23 -25.66 -25.65
N VAL A 14 -52.82 -24.48 -25.20
CA VAL A 14 -53.74 -23.42 -24.80
C VAL A 14 -52.95 -22.13 -24.86
N LEU A 15 -53.58 -21.08 -25.39
CA LEU A 15 -52.82 -19.90 -25.78
C LEU A 15 -52.27 -19.15 -24.57
N PHE A 16 -50.95 -19.12 -24.46
CA PHE A 16 -50.27 -18.27 -23.48
C PHE A 16 -49.68 -17.07 -24.23
N GLN A 17 -50.15 -15.86 -23.88
CA GLN A 17 -49.68 -14.66 -24.57
C GLN A 17 -48.18 -14.47 -24.35
N GLY A 18 -47.48 -14.12 -25.44
CA GLY A 18 -46.05 -13.96 -25.41
C GLY A 18 -45.55 -13.04 -24.32
N PRO A 19 -44.23 -12.92 -24.21
CA PRO A 19 -43.64 -12.23 -23.06
C PRO A 19 -43.94 -10.74 -23.07
N MET A 20 -43.93 -10.16 -21.86
CA MET A 20 -44.14 -8.73 -21.67
C MET A 20 -43.23 -8.26 -20.54
N GLU A 21 -43.02 -6.94 -20.47
CA GLU A 21 -42.16 -6.36 -19.45
C GLU A 21 -43.00 -5.94 -18.27
N MET A 22 -42.62 -6.43 -17.08
CA MET A 22 -43.36 -6.09 -15.87
C MET A 22 -43.36 -4.59 -15.64
N ILE A 23 -44.52 -4.05 -15.26
CA ILE A 23 -44.68 -2.62 -15.03
C ILE A 23 -45.55 -2.41 -13.80
N LEU A 24 -44.92 -2.14 -12.67
CA LEU A 24 -45.67 -1.86 -11.46
C LEU A 24 -46.49 -0.58 -11.63
N GLU A 25 -47.82 -0.70 -11.52
CA GLU A 25 -48.69 0.46 -11.61
C GLU A 25 -48.98 0.99 -10.22
N GLU A 26 -49.75 2.09 -10.15
CA GLU A 26 -50.11 2.66 -8.84
C GLU A 26 -50.77 1.61 -7.94
N LYS A 27 -51.53 0.68 -8.53
CA LYS A 27 -52.18 -0.39 -7.79
C LYS A 27 -51.20 -1.11 -6.86
N ASP A 28 -50.00 -1.42 -7.37
CA ASP A 28 -49.13 -2.39 -6.74
C ASP A 28 -48.33 -1.81 -5.57
N ALA A 29 -48.57 -0.55 -5.21
CA ALA A 29 -47.77 0.09 -4.16
C ALA A 29 -48.05 -0.50 -2.79
N SER A 30 -49.28 -0.99 -2.55
CA SER A 30 -49.64 -1.54 -1.25
C SER A 30 -48.95 -2.86 -0.92
N ASP A 31 -48.11 -3.40 -1.82
CA ASP A 31 -47.46 -4.69 -1.67
C ASP A 31 -46.07 -4.63 -1.04
N TRP A 32 -45.57 -3.44 -0.73
CA TRP A 32 -44.19 -3.28 -0.29
C TRP A 32 -44.14 -2.53 1.03
N ILE A 33 -43.26 -2.98 1.93
CA ILE A 33 -43.10 -2.37 3.24
C ILE A 33 -41.71 -1.74 3.30
N TYR A 34 -41.61 -0.60 3.97
CA TYR A 34 -40.31 0.00 4.26
C TYR A 34 -39.37 -1.03 4.91
N ARG A 35 -38.18 -1.20 4.32
CA ARG A 35 -37.12 -2.03 4.88
C ARG A 35 -35.97 -1.22 5.44
N GLY A 36 -35.58 -0.17 4.74
CA GLY A 36 -34.47 0.66 5.17
C GLY A 36 -34.09 1.59 4.04
N GLU A 37 -33.03 2.33 4.25
CA GLU A 37 -32.58 3.29 3.26
C GLU A 37 -31.24 3.86 3.69
N GLY A 38 -30.43 4.27 2.70
CA GLY A 38 -29.19 4.94 2.94
C GLY A 38 -29.24 6.39 2.49
N GLY A 39 -28.07 6.95 2.21
CA GLY A 39 -28.04 8.29 1.68
C GLY A 39 -28.33 8.44 0.21
N ALA A 40 -28.83 7.38 -0.45
CA ALA A 40 -29.02 7.42 -1.90
C ALA A 40 -30.26 6.66 -2.34
N ASN A 41 -30.52 5.51 -1.75
CA ASN A 41 -31.57 4.62 -2.25
C ASN A 41 -32.53 4.27 -1.13
N LEU A 42 -33.71 3.81 -1.55
CA LEU A 42 -34.82 3.47 -0.68
C LEU A 42 -35.11 2.00 -0.93
N VAL A 43 -34.98 1.17 0.10
CA VAL A 43 -35.17 -0.27 -0.04
C VAL A 43 -36.50 -0.65 0.59
N LEU A 44 -37.23 -1.57 -0.05
CA LEU A 44 -38.54 -2.01 0.44
C LEU A 44 -38.71 -3.49 0.15
N ALA A 45 -39.19 -4.25 1.14
CA ALA A 45 -39.39 -5.69 1.01
C ALA A 45 -40.83 -6.02 0.62
N TYR A 46 -40.98 -7.19 -0.01
CA TYR A 46 -42.27 -7.60 -0.58
C TYR A 46 -43.12 -8.37 0.42
N ALA A 47 -44.41 -8.05 0.44
CA ALA A 47 -45.35 -8.56 1.42
C ALA A 47 -46.52 -9.28 0.79
N GLY A 48 -46.46 -9.56 -0.51
CA GLY A 48 -47.61 -10.07 -1.20
C GLY A 48 -47.49 -11.48 -1.73
N SER A 49 -48.00 -11.65 -2.95
CA SER A 49 -48.42 -12.93 -3.51
C SER A 49 -47.52 -13.44 -4.63
N SER A 50 -47.24 -12.62 -5.63
CA SER A 50 -46.72 -13.14 -6.90
C SER A 50 -45.38 -13.84 -6.69
N PRO A 51 -45.14 -14.95 -7.38
CA PRO A 51 -43.83 -15.62 -7.26
C PRO A 51 -42.71 -14.83 -7.89
N LEU A 52 -43.01 -13.88 -8.77
CA LEU A 52 -42.01 -12.97 -9.29
C LEU A 52 -41.52 -11.98 -8.25
N PHE A 53 -41.92 -12.11 -6.99
CA PHE A 53 -41.56 -11.10 -6.02
C PHE A 53 -41.41 -11.67 -4.62
N VAL A 54 -41.73 -12.94 -4.43
CA VAL A 54 -41.56 -13.55 -3.12
C VAL A 54 -40.08 -13.57 -2.79
N GLY A 55 -39.70 -12.97 -1.67
CA GLY A 55 -38.31 -12.93 -1.26
C GLY A 55 -37.41 -12.00 -2.03
N LYS A 56 -37.94 -10.87 -2.50
CA LYS A 56 -37.17 -9.89 -3.26
C LYS A 56 -37.40 -8.52 -2.64
N VAL A 57 -36.42 -7.63 -2.80
CA VAL A 57 -36.59 -6.23 -2.41
C VAL A 57 -36.43 -5.37 -3.65
N ILE A 58 -36.93 -4.14 -3.54
CA ILE A 58 -36.93 -3.17 -4.63
C ILE A 58 -36.17 -1.94 -4.15
N ARG A 59 -35.28 -1.44 -4.99
CA ARG A 59 -34.37 -0.36 -4.61
C ARG A 59 -34.77 0.83 -5.46
N ILE A 60 -35.30 1.85 -4.81
CA ILE A 60 -35.77 3.05 -5.48
C ILE A 60 -34.85 4.20 -5.13
N GLN A 61 -34.50 4.99 -6.12
CA GLN A 61 -33.52 6.04 -5.92
C GLN A 61 -34.17 7.31 -5.38
N LYS A 62 -33.59 7.82 -4.29
CA LYS A 62 -33.94 9.12 -3.77
C LYS A 62 -33.16 10.20 -4.50
N ALA A 63 -33.66 11.43 -4.41
CA ALA A 63 -32.97 12.58 -4.97
C ALA A 63 -32.89 13.65 -3.91
N ARG A 64 -31.69 14.18 -3.69
CA ARG A 64 -31.54 15.35 -2.83
C ARG A 64 -32.39 16.51 -3.38
N ARG A 65 -33.07 17.22 -2.46
CA ARG A 65 -34.04 18.26 -2.81
C ARG A 65 -33.39 19.56 -3.36
N ASN A 66 -32.05 19.66 -3.40
CA ASN A 66 -31.33 20.74 -4.09
C ASN A 66 -30.61 20.17 -5.32
N ASP A 67 -31.11 20.51 -6.51
CA ASP A 67 -30.43 20.28 -7.80
C ASP A 67 -31.43 20.40 -8.97
N LYS A 71 -27.07 17.46 -16.53
CA LYS A 71 -27.68 18.04 -17.74
C LYS A 71 -26.63 18.39 -18.80
N ASN A 72 -26.75 17.79 -19.99
CA ASN A 72 -25.82 17.99 -21.11
C ASN A 72 -26.04 19.37 -21.75
N SER A 73 -25.25 19.65 -22.81
CA SER A 73 -25.22 20.98 -23.45
C SER A 73 -26.49 21.31 -24.30
N ASN A 74 -27.52 20.47 -24.27
CA ASN A 74 -28.85 20.83 -24.76
C ASN A 74 -29.86 20.85 -23.62
N GLY A 75 -29.40 21.17 -22.41
CA GLY A 75 -30.24 21.15 -21.24
C GLY A 75 -31.13 19.93 -21.18
N VAL A 76 -30.52 18.75 -21.27
CA VAL A 76 -31.22 17.48 -21.19
C VAL A 76 -30.63 16.71 -20.01
N VAL A 77 -31.49 16.11 -19.18
CA VAL A 77 -30.98 15.35 -18.04
C VAL A 77 -30.01 14.28 -18.54
N SER A 78 -28.90 14.12 -17.83
CA SER A 78 -27.83 13.26 -18.34
C SER A 78 -27.35 12.26 -17.30
N VAL A 79 -27.23 11.01 -17.74
CA VAL A 79 -26.75 9.95 -16.85
C VAL A 79 -25.29 10.18 -16.44
N LEU A 80 -24.45 10.66 -17.36
CA LEU A 80 -23.03 10.86 -17.10
C LEU A 80 -22.57 12.16 -17.72
N THR A 81 -21.69 12.88 -17.03
CA THR A 81 -21.04 14.02 -17.65
C THR A 81 -20.11 13.55 -18.77
N SER A 82 -19.57 14.49 -19.53
CA SER A 82 -18.60 14.11 -20.56
C SER A 82 -17.41 13.41 -19.93
N ASP A 83 -16.89 13.98 -18.83
CA ASP A 83 -15.71 13.42 -18.18
C ASP A 83 -15.99 12.01 -17.67
N GLU A 84 -17.14 11.80 -17.03
CA GLU A 84 -17.45 10.44 -16.61
C GLU A 84 -17.55 9.52 -17.81
N GLN A 85 -18.22 9.98 -18.87
CA GLN A 85 -18.17 9.33 -20.16
C GLN A 85 -16.74 8.94 -20.50
N HIS A 86 -15.84 9.91 -20.61
CA HIS A 86 -14.47 9.56 -20.98
C HIS A 86 -13.83 8.62 -19.98
N LEU A 87 -13.90 8.97 -18.69
CA LEU A 87 -13.23 8.19 -17.64
C LEU A 87 -13.63 6.71 -17.65
N TRP A 88 -14.93 6.40 -17.82
CA TRP A 88 -15.43 5.03 -17.80
C TRP A 88 -15.54 4.41 -19.20
N ARG A 89 -14.87 4.98 -20.19
CA ARG A 89 -15.05 4.59 -21.58
C ARG A 89 -14.56 3.17 -21.87
N GLU A 90 -13.77 2.56 -20.99
CA GLU A 90 -13.29 1.20 -21.26
C GLU A 90 -14.39 0.16 -21.26
N ASN A 91 -15.58 0.51 -21.75
CA ASN A 91 -16.74 -0.38 -21.77
C ASN A 91 -17.96 0.34 -22.33
N ASN A 92 -18.29 0.09 -23.59
CA ASN A 92 -19.30 0.92 -24.24
C ASN A 92 -20.67 0.69 -23.64
N GLU A 93 -21.00 -0.57 -23.36
CA GLU A 93 -22.24 -0.92 -22.67
C GLU A 93 -22.51 0.08 -21.54
N LEU A 94 -21.49 0.34 -20.71
CA LEU A 94 -21.66 1.08 -19.46
C LEU A 94 -21.88 2.57 -19.71
N ILE A 95 -21.11 3.18 -20.61
CA ILE A 95 -21.17 4.63 -20.76
C ILE A 95 -22.29 5.02 -21.71
N SER A 96 -23.13 4.05 -22.10
CA SER A 96 -24.26 4.37 -22.96
C SER A 96 -25.58 4.11 -22.26
N SER A 97 -25.56 3.86 -20.94
CA SER A 97 -26.77 3.59 -20.17
C SER A 97 -27.74 4.77 -20.24
N PRO A 98 -28.97 4.57 -20.74
CA PRO A 98 -29.90 5.71 -20.87
C PRO A 98 -30.40 6.28 -19.55
N ASN A 99 -30.54 5.48 -18.49
CA ASN A 99 -30.96 5.99 -17.17
C ASN A 99 -30.08 5.40 -16.09
N LYS A 100 -30.28 5.86 -14.85
CA LYS A 100 -29.37 5.50 -13.76
C LYS A 100 -29.53 4.06 -13.29
N GLU A 101 -30.64 3.39 -13.59
CA GLU A 101 -30.76 2.02 -13.11
C GLU A 101 -29.92 1.06 -13.95
N VAL A 102 -30.00 1.18 -15.28
CA VAL A 102 -29.13 0.32 -16.08
C VAL A 102 -27.67 0.67 -15.80
N LEU A 103 -27.39 1.96 -15.52
CA LEU A 103 -26.03 2.38 -15.20
C LEU A 103 -25.46 1.68 -13.96
N GLU A 104 -26.21 1.68 -12.83
CA GLU A 104 -25.75 0.91 -11.67
C GLU A 104 -25.77 -0.58 -11.96
N GLN A 105 -26.68 -1.04 -12.80
CA GLN A 105 -26.71 -2.44 -13.16
C GLN A 105 -25.51 -2.85 -14.02
N ARG A 106 -25.02 -1.96 -14.87
CA ARG A 106 -23.89 -2.34 -15.73
C ARG A 106 -22.55 -2.05 -15.06
N TYR A 107 -22.53 -1.14 -14.10
CA TYR A 107 -21.34 -0.95 -13.27
C TYR A 107 -21.01 -2.21 -12.48
N VAL A 108 -22.02 -2.84 -11.91
CA VAL A 108 -21.77 -4.02 -11.10
C VAL A 108 -21.37 -5.20 -11.98
N GLN A 109 -21.94 -5.29 -13.17
CA GLN A 109 -21.69 -6.45 -14.02
C GLN A 109 -20.39 -6.32 -14.78
N ASN A 110 -20.02 -5.11 -15.16
CA ASN A 110 -18.90 -4.91 -16.07
C ASN A 110 -17.62 -4.40 -15.40
N VAL A 111 -17.71 -3.70 -14.26
CA VAL A 111 -16.54 -3.18 -13.57
C VAL A 111 -16.26 -3.94 -12.27
N ILE A 112 -17.31 -4.17 -11.47
CA ILE A 112 -17.12 -4.72 -10.13
C ILE A 112 -17.03 -6.24 -10.17
N ILE A 113 -18.03 -6.91 -10.75
CA ILE A 113 -18.06 -8.38 -10.77
C ILE A 113 -16.78 -8.96 -11.35
N PRO A 114 -16.15 -8.38 -12.39
CA PRO A 114 -14.86 -8.92 -12.85
C PRO A 114 -13.76 -8.79 -11.83
N LEU A 115 -13.89 -7.84 -10.90
CA LEU A 115 -12.90 -7.64 -9.86
C LEU A 115 -13.18 -8.48 -8.63
N LEU A 116 -14.47 -8.69 -8.34
CA LEU A 116 -14.91 -9.22 -7.06
C LEU A 116 -15.42 -10.65 -7.14
N GLY A 117 -15.49 -11.24 -8.33
CA GLY A 117 -16.06 -12.56 -8.47
C GLY A 117 -17.57 -12.48 -8.37
N PRO A 118 -18.27 -13.37 -9.09
CA PRO A 118 -19.74 -13.30 -9.14
C PRO A 118 -20.48 -14.02 -8.02
N LYS A 119 -19.78 -14.63 -7.06
CA LYS A 119 -20.44 -15.56 -6.14
C LYS A 119 -21.12 -14.90 -4.96
N HIS A 120 -20.75 -13.67 -4.61
CA HIS A 120 -21.37 -12.94 -3.50
C HIS A 120 -21.94 -11.60 -3.95
N VAL A 121 -22.14 -11.43 -5.26
CA VAL A 121 -22.49 -10.16 -5.87
C VAL A 121 -23.58 -10.47 -6.89
N ASP A 122 -24.78 -9.99 -6.63
CA ASP A 122 -25.91 -10.19 -7.55
C ASP A 122 -26.22 -8.84 -8.16
N ALA A 123 -25.83 -8.67 -9.42
CA ALA A 123 -26.38 -7.56 -10.19
C ALA A 123 -27.90 -7.68 -10.16
N GLY A 124 -28.58 -6.53 -10.20
CA GLY A 124 -30.02 -6.52 -10.03
C GLY A 124 -30.76 -6.90 -11.30
N VAL A 125 -32.09 -6.74 -11.23
CA VAL A 125 -32.98 -6.89 -12.37
C VAL A 125 -33.88 -5.66 -12.41
N ARG A 126 -33.98 -5.03 -13.60
CA ARG A 126 -34.77 -3.82 -13.71
C ARG A 126 -36.25 -4.19 -13.86
N VAL A 127 -37.11 -3.40 -13.23
CA VAL A 127 -38.54 -3.44 -13.48
C VAL A 127 -38.95 -2.03 -13.88
N SER A 128 -39.81 -1.92 -14.88
CA SER A 128 -40.34 -0.61 -15.22
C SER A 128 -41.34 -0.18 -14.15
N VAL A 129 -41.45 1.12 -13.92
CA VAL A 129 -42.40 1.63 -12.94
C VAL A 129 -43.02 2.92 -13.42
N SER A 130 -44.27 3.12 -13.01
CA SER A 130 -44.98 4.35 -13.29
C SER A 130 -44.62 5.43 -12.28
N LYS A 131 -44.83 6.68 -12.70
CA LYS A 131 -44.69 7.82 -11.79
C LYS A 131 -45.70 7.74 -10.65
N GLU A 132 -46.84 7.11 -10.90
CA GLU A 132 -47.85 6.95 -9.86
C GLU A 132 -47.38 5.98 -8.78
N PHE A 133 -46.74 4.88 -9.18
CA PHE A 133 -46.14 3.97 -8.21
C PHE A 133 -45.22 4.74 -7.27
N LEU A 134 -44.22 5.41 -7.86
CA LEU A 134 -43.22 6.09 -7.06
C LEU A 134 -43.82 7.17 -6.18
N GLU A 135 -44.79 7.92 -6.71
CA GLU A 135 -45.42 8.96 -5.88
C GLU A 135 -46.17 8.34 -4.70
N CYS A 136 -46.60 7.09 -4.82
CA CYS A 136 -47.26 6.41 -3.70
C CYS A 136 -46.24 5.96 -2.65
N VAL A 137 -45.28 5.14 -3.06
CA VAL A 137 -44.36 4.58 -2.08
C VAL A 137 -43.78 5.68 -1.22
N ASP A 138 -43.54 6.86 -1.79
CA ASP A 138 -42.99 7.97 -1.02
C ASP A 138 -43.97 8.42 0.05
N LYS A 139 -45.17 8.85 -0.37
CA LYS A 139 -46.22 9.23 0.57
C LYS A 139 -46.37 8.19 1.70
N LYS A 140 -46.41 6.91 1.34
CA LYS A 140 -46.66 5.87 2.32
C LYS A 140 -45.52 5.76 3.34
N VAL A 141 -44.28 5.62 2.86
CA VAL A 141 -43.20 5.23 3.78
C VAL A 141 -42.77 6.36 4.68
N THR A 142 -42.93 7.62 4.26
CA THR A 142 -42.36 8.74 4.99
C THR A 142 -42.70 8.74 6.48
N LYS A 143 -43.56 7.81 6.90
CA LYS A 143 -43.80 7.63 8.33
C LYS A 143 -42.62 6.93 9.00
N GLN A 144 -42.15 5.80 8.44
CA GLN A 144 -41.13 4.94 9.02
C GLN A 144 -39.69 5.42 8.77
N ARG A 145 -39.49 6.41 7.91
CA ARG A 145 -38.15 6.91 7.71
C ARG A 145 -37.74 7.76 8.91
N PRO A 146 -36.45 7.78 9.23
CA PRO A 146 -35.95 8.80 10.15
C PRO A 146 -36.29 10.19 9.62
N LEU A 147 -36.47 11.15 10.53
CA LEU A 147 -37.01 12.44 10.08
C LEU A 147 -36.01 13.18 9.20
N TRP A 148 -34.71 13.12 9.52
CA TRP A 148 -33.68 13.87 8.77
C TRP A 148 -33.31 13.21 7.45
N ARG A 149 -33.85 12.04 7.17
CA ARG A 149 -33.75 11.46 5.85
C ARG A 149 -34.81 12.04 4.92
N VAL A 150 -36.04 12.20 5.41
CA VAL A 150 -37.08 12.80 4.59
C VAL A 150 -36.73 14.25 4.28
N ASN A 151 -36.26 14.98 5.28
CA ASN A 151 -35.96 16.40 5.13
C ASN A 151 -34.67 16.64 4.33
N ALA A 152 -34.16 15.62 3.64
CA ALA A 152 -32.94 15.73 2.83
C ALA A 152 -33.01 14.95 1.52
N ALA A 153 -34.04 14.10 1.32
CA ALA A 153 -34.20 13.30 0.11
C ALA A 153 -35.58 12.64 0.12
N ASN A 154 -36.35 12.83 -0.96
CA ASN A 154 -37.59 12.08 -1.22
C ASN A 154 -37.40 11.20 -2.46
N VAL A 155 -38.46 10.47 -2.81
CA VAL A 155 -38.39 9.55 -3.94
C VAL A 155 -38.27 10.34 -5.24
N ASP A 156 -37.33 9.96 -6.10
CA ASP A 156 -37.14 10.59 -7.41
C ASP A 156 -38.27 10.14 -8.33
N THR A 157 -39.32 10.95 -8.44
CA THR A 157 -40.54 10.58 -9.16
C THR A 157 -40.44 10.76 -10.66
N SER A 158 -39.22 10.77 -11.23
CA SER A 158 -39.05 10.79 -12.68
C SER A 158 -38.57 9.47 -13.25
N HIS A 159 -37.85 8.65 -12.48
CA HIS A 159 -37.32 7.40 -13.01
C HIS A 159 -38.43 6.54 -13.59
N ASP A 160 -38.12 5.85 -14.69
CA ASP A 160 -38.99 4.83 -15.26
C ASP A 160 -38.55 3.42 -14.90
N SER A 161 -37.54 3.28 -14.04
CA SER A 161 -37.03 1.97 -13.65
C SER A 161 -36.75 1.98 -12.15
N ALA A 162 -36.75 0.76 -11.59
CA ALA A 162 -36.26 0.50 -10.24
C ALA A 162 -35.58 -0.87 -10.23
N LEU A 163 -34.88 -1.15 -9.15
CA LEU A 163 -34.10 -2.37 -9.03
C LEU A 163 -34.79 -3.38 -8.14
N ILE A 164 -34.79 -4.64 -8.58
CA ILE A 164 -35.30 -5.78 -7.82
C ILE A 164 -34.11 -6.67 -7.47
N LEU A 165 -33.94 -6.96 -6.19
CA LEU A 165 -32.87 -7.85 -5.74
C LEU A 165 -33.47 -8.96 -4.86
N ASN A 166 -32.69 -10.00 -4.62
CA ASN A 166 -33.06 -10.99 -3.63
C ASN A 166 -33.00 -10.37 -2.25
N ASP A 167 -33.91 -10.76 -1.37
CA ASP A 167 -33.88 -10.28 0.01
C ASP A 167 -32.91 -11.14 0.80
N HIS A 168 -31.88 -10.52 1.37
CA HIS A 168 -30.79 -11.24 2.00
C HIS A 168 -31.01 -11.50 3.49
N SER A 169 -32.23 -11.34 3.98
CA SER A 169 -32.58 -11.78 5.32
C SER A 169 -33.56 -12.96 5.32
N LEU A 170 -33.58 -13.76 4.24
CA LEU A 170 -34.56 -14.83 4.07
C LEU A 170 -33.95 -15.96 3.23
N PHE A 171 -34.75 -16.99 2.97
CA PHE A 171 -34.38 -18.13 2.12
C PHE A 171 -35.54 -18.54 1.21
N ASP A 180 -37.14 -19.97 11.19
CA ASP A 180 -36.39 -18.86 11.79
C ASP A 180 -35.09 -18.50 11.03
N CYS A 181 -34.86 -17.19 10.85
CA CYS A 181 -33.68 -16.68 10.15
C CYS A 181 -33.19 -15.41 10.82
N ILE A 182 -31.87 -15.31 11.03
CA ILE A 182 -31.24 -14.12 11.60
C ILE A 182 -30.11 -13.68 10.68
N SER A 183 -30.18 -12.43 10.23
CA SER A 183 -29.23 -11.84 9.29
C SER A 183 -28.45 -10.71 9.96
N VAL A 184 -27.21 -10.53 9.53
CA VAL A 184 -26.38 -9.44 10.03
C VAL A 184 -25.91 -8.59 8.86
N GLU A 185 -25.75 -7.29 9.11
CA GLU A 185 -25.27 -6.39 8.08
C GLU A 185 -24.09 -5.60 8.61
N ILE A 186 -22.95 -5.70 7.91
CA ILE A 186 -21.73 -5.00 8.27
C ILE A 186 -21.38 -4.01 7.16
N LYS A 187 -20.90 -2.85 7.56
CA LYS A 187 -20.38 -1.83 6.67
C LYS A 187 -18.94 -1.64 7.12
N PRO A 188 -18.00 -2.41 6.55
CA PRO A 188 -16.66 -2.49 7.14
C PRO A 188 -15.82 -1.25 6.93
N LYS A 189 -15.98 -0.53 5.82
CA LYS A 189 -15.27 0.72 5.55
C LYS A 189 -13.81 0.41 5.27
N CYS A 190 -12.95 1.43 5.26
CA CYS A 190 -11.60 1.24 4.75
C CYS A 190 -10.73 0.60 5.82
N GLY A 191 -10.21 -0.59 5.52
CA GLY A 191 -9.39 -1.31 6.46
C GLY A 191 -7.93 -1.33 6.08
N PHE A 192 -7.31 -0.17 5.86
CA PHE A 192 -5.87 -0.14 5.60
C PHE A 192 -5.34 1.28 5.76
N LEU A 193 -4.03 1.37 6.08
CA LEU A 193 -3.38 2.65 6.31
C LEU A 193 -2.67 3.11 5.04
N PRO A 194 -2.79 4.36 4.62
CA PRO A 194 -2.06 4.81 3.42
C PRO A 194 -0.57 4.95 3.68
N THR A 195 0.21 4.87 2.60
CA THR A 195 1.67 5.06 2.64
C THR A 195 2.13 5.85 1.42
N SER A 196 1.45 6.94 1.11
CA SER A 196 1.84 7.62 -0.11
C SER A 196 2.98 8.60 0.16
N ARG A 197 3.73 8.89 -0.91
CA ARG A 197 4.72 9.96 -0.85
C ARG A 197 4.06 11.32 -0.83
N PHE A 198 2.82 11.41 -1.29
CA PHE A 198 2.14 12.69 -1.49
C PHE A 198 1.49 13.19 -0.22
N ILE A 199 1.42 12.34 0.80
CA ILE A 199 1.05 12.73 2.15
C ILE A 199 2.19 13.57 2.74
N GLY A 200 1.88 14.80 3.15
CA GLY A 200 2.90 15.69 3.68
C GLY A 200 3.17 15.50 5.18
N LYS A 201 4.29 16.06 5.64
CA LYS A 201 4.73 15.81 7.01
C LYS A 201 3.66 16.19 8.03
N GLU A 202 2.98 17.33 7.83
CA GLU A 202 1.96 17.74 8.78
C GLU A 202 0.84 16.72 8.89
N ASN A 203 0.73 15.79 7.92
CA ASN A 203 -0.33 14.80 7.93
C ASN A 203 0.19 13.38 8.16
N MET A 204 1.38 13.25 8.73
CA MET A 204 1.95 11.93 8.98
C MET A 204 0.98 11.03 9.70
N LEU A 205 0.14 11.59 10.55
CA LEU A 205 -0.78 10.78 11.34
C LEU A 205 -1.61 9.84 10.47
N LYS A 206 -1.81 10.21 9.19
CA LYS A 206 -2.62 9.39 8.29
C LYS A 206 -2.03 8.00 8.06
N THR A 207 -0.70 7.86 8.20
CA THR A 207 -0.04 6.58 8.11
C THR A 207 -0.10 5.80 9.42
N SER A 208 -0.69 6.36 10.45
CA SER A 208 -0.76 5.68 11.74
C SER A 208 -2.17 5.33 12.18
N VAL A 209 -3.13 6.23 12.02
CA VAL A 209 -4.47 6.02 12.50
C VAL A 209 -5.41 5.86 11.32
N SER A 210 -6.20 4.79 11.33
CA SER A 210 -7.24 4.61 10.33
C SER A 210 -8.08 5.87 10.19
N ARG A 211 -8.30 6.28 8.93
CA ARG A 211 -9.26 7.34 8.67
C ARG A 211 -10.57 7.14 9.42
N PHE A 212 -11.02 5.90 9.57
CA PHE A 212 -12.21 5.67 10.38
C PHE A 212 -12.01 6.16 11.80
N LYS A 213 -10.82 5.98 12.38
CA LYS A 213 -10.62 6.38 13.76
C LYS A 213 -10.60 7.89 13.88
N MET A 214 -9.88 8.58 12.97
CA MET A 214 -9.79 10.04 12.95
C MET A 214 -11.09 10.68 12.49
N HIS A 215 -11.99 9.89 11.94
CA HIS A 215 -13.26 10.44 11.50
C HIS A 215 -14.26 10.50 12.66
N GLN A 216 -14.16 9.56 13.61
CA GLN A 216 -15.04 9.55 14.79
C GLN A 216 -15.00 10.87 15.55
N LEU A 217 -13.81 11.47 15.70
CA LEU A 217 -13.71 12.74 16.42
C LEU A 217 -14.55 13.82 15.76
N LEU A 218 -14.31 14.03 14.45
CA LEU A 218 -15.01 15.09 13.73
C LEU A 218 -16.52 14.86 13.72
N LYS A 219 -16.96 13.59 13.73
CA LYS A 219 -18.39 13.29 13.76
C LYS A 219 -19.01 13.72 15.08
N LEU A 220 -18.24 13.64 16.17
CA LEU A 220 -18.70 14.18 17.45
C LEU A 220 -18.84 15.70 17.36
N GLU A 221 -17.75 16.40 17.07
CA GLU A 221 -17.76 17.82 16.80
C GLU A 221 -18.89 18.23 15.85
N TYR A 222 -19.77 17.29 15.48
CA TYR A 222 -20.96 17.60 14.70
C TYR A 222 -22.18 16.84 15.21
N ILE A 223 -22.14 16.33 16.43
CA ILE A 223 -23.20 15.52 17.01
C ILE A 223 -23.83 14.61 15.96
N GLU A 224 -23.01 13.88 15.20
CA GLU A 224 -23.54 12.88 14.30
C GLU A 224 -23.52 11.47 14.90
N ILE A 225 -22.68 11.27 15.92
CA ILE A 225 -22.68 10.12 16.82
C ILE A 225 -22.62 10.71 18.23
N SER A 226 -22.95 9.88 19.22
CA SER A 226 -22.84 10.32 20.60
C SER A 226 -21.63 9.74 21.35
N GLU A 227 -21.06 8.62 20.89
CA GLU A 227 -19.90 8.01 21.51
C GLU A 227 -18.94 7.52 20.43
N GLU A 228 -17.65 7.72 20.67
CA GLU A 228 -16.63 7.17 19.79
C GLU A 228 -16.84 5.66 19.64
N SER A 229 -16.63 5.16 18.42
CA SER A 229 -16.91 3.78 18.11
C SER A 229 -15.88 2.86 18.76
N GLU A 230 -16.34 1.71 19.24
CA GLU A 230 -15.40 0.69 19.68
C GLU A 230 -14.69 0.06 18.51
N TYR A 231 -15.29 0.15 17.32
CA TYR A 231 -14.89 -0.64 16.18
C TYR A 231 -13.72 -0.03 15.47
N ASP A 232 -12.80 -0.88 15.02
CA ASP A 232 -11.64 -0.45 14.24
C ASP A 232 -11.58 -1.36 13.02
N PRO A 233 -11.62 -0.82 11.81
CA PRO A 233 -11.58 -1.69 10.63
C PRO A 233 -10.25 -2.40 10.43
N LEU A 234 -9.17 -1.94 11.05
CA LEU A 234 -7.90 -2.68 10.95
C LEU A 234 -8.02 -4.09 11.54
N ASP A 235 -8.84 -4.27 12.59
CA ASP A 235 -9.11 -5.59 13.15
C ASP A 235 -9.93 -6.45 12.20
N LEU A 236 -11.07 -5.93 11.73
CA LEU A 236 -11.92 -6.70 10.83
C LEU A 236 -11.14 -7.24 9.64
N PHE A 237 -10.29 -6.42 9.05
CA PHE A 237 -9.54 -6.80 7.86
C PHE A 237 -8.18 -7.41 8.19
N SER A 238 -7.82 -7.56 9.47
CA SER A 238 -6.49 -8.08 9.80
C SER A 238 -6.28 -9.48 9.25
N GLY A 239 -7.35 -10.20 8.88
CA GLY A 239 -7.23 -11.60 8.51
C GLY A 239 -6.91 -12.52 9.65
N SER A 240 -6.79 -12.00 10.87
CA SER A 240 -6.63 -12.80 12.08
C SER A 240 -8.01 -13.07 12.68
N LYS A 241 -8.44 -14.33 12.67
CA LYS A 241 -9.74 -14.66 13.23
C LYS A 241 -9.90 -14.17 14.67
N GLU A 242 -8.80 -13.91 15.35
CA GLU A 242 -8.86 -13.42 16.71
C GLU A 242 -9.32 -11.96 16.74
N ARG A 243 -8.62 -11.09 16.00
CA ARG A 243 -9.03 -9.69 15.88
C ARG A 243 -10.33 -9.53 15.11
N VAL A 244 -10.66 -10.47 14.23
CA VAL A 244 -11.98 -10.44 13.62
C VAL A 244 -13.05 -10.52 14.71
N LEU A 245 -12.85 -11.38 15.70
CA LEU A 245 -13.83 -11.45 16.78
C LEU A 245 -13.85 -10.18 17.60
N GLU A 246 -12.71 -9.49 17.73
CA GLU A 246 -12.72 -8.20 18.41
C GLU A 246 -13.62 -7.22 17.68
N ALA A 247 -13.48 -7.15 16.35
CA ALA A 247 -14.32 -6.27 15.53
C ALA A 247 -15.79 -6.52 15.77
N ILE A 248 -16.22 -7.78 15.65
CA ILE A 248 -17.65 -8.09 15.78
C ILE A 248 -18.13 -7.79 17.19
N LYS A 249 -17.28 -7.99 18.19
CA LYS A 249 -17.66 -7.55 19.52
C LYS A 249 -17.70 -6.03 19.60
N ALA A 250 -16.73 -5.34 18.99
CA ALA A 250 -16.78 -3.88 18.94
C ALA A 250 -17.99 -3.36 18.18
N LEU A 251 -18.40 -4.08 17.13
CA LEU A 251 -19.58 -3.68 16.36
C LEU A 251 -20.85 -3.85 17.20
N TYR A 252 -21.04 -5.03 17.77
CA TYR A 252 -22.14 -5.25 18.70
C TYR A 252 -22.22 -4.14 19.75
N SER A 253 -21.07 -3.70 20.28
CA SER A 253 -21.08 -2.75 21.37
C SER A 253 -21.51 -1.36 20.91
N THR A 254 -20.84 -0.81 19.91
CA THR A 254 -21.15 0.52 19.39
C THR A 254 -21.51 0.35 17.92
N PRO A 255 -22.75 0.04 17.63
CA PRO A 255 -23.14 -0.29 16.25
C PRO A 255 -23.09 0.90 15.28
N GLN A 256 -23.61 2.07 15.68
CA GLN A 256 -23.68 3.16 14.73
C GLN A 256 -24.36 2.71 13.44
N ASN A 257 -23.83 3.15 12.29
CA ASN A 257 -24.34 2.72 10.99
C ASN A 257 -23.47 1.64 10.35
N ASN A 258 -22.75 0.86 11.17
CA ASN A 258 -21.87 -0.19 10.68
C ASN A 258 -22.40 -1.59 10.92
N PHE A 259 -23.39 -1.77 11.77
CA PHE A 259 -23.79 -3.11 12.20
C PHE A 259 -25.28 -3.13 12.47
N ARG A 260 -25.99 -4.04 11.84
CA ARG A 260 -27.41 -4.22 12.07
C ARG A 260 -27.70 -5.72 12.14
N VAL A 261 -28.72 -6.06 12.92
CA VAL A 261 -29.21 -7.43 12.98
C VAL A 261 -30.72 -7.38 12.81
N PHE A 262 -31.25 -8.31 12.03
CA PHE A 262 -32.67 -8.41 11.73
C PHE A 262 -33.11 -9.83 12.06
N LEU A 263 -34.27 -9.96 12.69
CA LEU A 263 -34.88 -11.27 12.87
C LEU A 263 -36.02 -11.38 11.89
N ASN A 264 -36.01 -12.46 11.09
CA ASN A 264 -36.92 -12.59 9.97
C ASN A 264 -37.37 -11.23 9.44
N GLY A 265 -36.45 -10.48 8.82
CA GLY A 265 -36.81 -9.28 8.12
C GLY A 265 -36.88 -8.01 8.96
N SER A 266 -37.01 -8.12 10.28
CA SER A 266 -37.20 -6.94 11.12
C SER A 266 -35.98 -6.66 11.98
N LEU A 267 -35.59 -5.39 12.00
CA LEU A 267 -34.44 -4.96 12.79
C LEU A 267 -34.64 -5.34 14.25
N ILE A 268 -33.55 -5.73 14.92
CA ILE A 268 -33.58 -6.07 16.34
C ILE A 268 -32.27 -5.65 16.99
N LEU A 269 -31.61 -4.66 16.38
CA LEU A 269 -30.35 -4.10 16.87
C LEU A 269 -29.71 -3.32 15.75
N GLY A 270 -29.19 -2.14 16.07
CA GLY A 270 -28.71 -1.24 15.07
C GLY A 270 -29.81 -0.30 14.61
N GLY A 271 -29.43 0.67 13.81
CA GLY A 271 -30.36 1.69 13.40
C GLY A 271 -31.10 1.31 12.14
N SER A 272 -32.23 1.99 11.93
CA SER A 272 -33.12 1.75 10.80
C SER A 272 -32.98 2.94 9.85
N GLY A 273 -32.27 2.73 8.74
CA GLY A 273 -31.86 3.84 7.90
C GLY A 273 -31.05 4.90 8.63
N GLU A 274 -30.40 4.54 9.75
CA GLU A 274 -29.55 5.46 10.50
C GLU A 274 -28.77 4.69 11.55
N SER A 275 -27.75 5.35 12.11
CA SER A 275 -26.94 4.78 13.18
C SER A 275 -27.68 4.85 14.51
N THR A 276 -27.03 4.36 15.57
CA THR A 276 -27.67 4.27 16.87
C THR A 276 -26.62 4.41 17.97
N GLY A 277 -27.10 4.73 19.17
CA GLY A 277 -26.23 4.93 20.30
C GLY A 277 -25.67 3.61 20.81
N ARG A 278 -24.79 3.73 21.83
CA ARG A 278 -24.18 2.55 22.41
C ARG A 278 -25.24 1.51 22.75
N THR A 279 -24.85 0.25 22.80
CA THR A 279 -25.76 -0.81 23.25
C THR A 279 -25.83 -0.74 24.77
N SER A 280 -26.93 -0.20 25.27
CA SER A 280 -27.17 -0.18 26.71
C SER A 280 -27.62 -1.57 27.16
N PRO A 281 -27.35 -1.92 28.42
CA PRO A 281 -27.81 -3.23 28.93
C PRO A 281 -29.27 -3.50 28.63
N GLU A 282 -30.13 -2.48 28.71
CA GLU A 282 -31.55 -2.63 28.34
C GLU A 282 -31.69 -3.24 26.95
N ILE A 283 -31.08 -2.61 25.94
CA ILE A 283 -31.01 -3.22 24.62
C ILE A 283 -30.33 -4.58 24.73
N GLY A 284 -29.29 -4.66 25.56
CA GLY A 284 -28.55 -5.90 25.69
C GLY A 284 -29.42 -7.06 26.12
N TYR A 285 -30.35 -6.81 27.05
CA TYR A 285 -31.28 -7.85 27.50
C TYR A 285 -32.39 -8.09 26.49
N ALA A 286 -32.84 -7.05 25.79
CA ALA A 286 -33.80 -7.25 24.70
C ALA A 286 -33.20 -8.09 23.57
N PHE A 287 -31.90 -7.96 23.32
CA PHE A 287 -31.28 -8.75 22.25
C PHE A 287 -31.05 -10.18 22.67
N GLU A 288 -30.58 -10.39 23.90
CA GLU A 288 -30.38 -11.75 24.44
C GLU A 288 -31.64 -12.60 24.32
N ASP A 289 -32.81 -12.02 24.56
CA ASP A 289 -34.04 -12.78 24.41
C ASP A 289 -34.51 -12.80 22.96
N ALA A 290 -34.29 -11.72 22.22
CA ALA A 290 -34.58 -11.73 20.79
C ALA A 290 -34.01 -12.98 20.13
N LEU A 291 -32.86 -13.46 20.60
CA LEU A 291 -32.21 -14.67 20.11
C LEU A 291 -32.75 -15.95 20.74
N LYS A 292 -33.73 -15.85 21.64
CA LYS A 292 -34.31 -17.03 22.28
C LYS A 292 -34.68 -18.09 21.26
N GLY A 293 -34.22 -19.31 21.47
CA GLY A 293 -34.57 -20.41 20.58
C GLY A 293 -33.79 -20.54 19.29
N PHE A 294 -33.61 -19.43 18.56
CA PHE A 294 -32.70 -19.44 17.42
C PHE A 294 -31.34 -19.98 17.85
N ILE A 295 -30.66 -19.24 18.74
CA ILE A 295 -29.54 -19.78 19.49
C ILE A 295 -30.08 -20.62 20.62
N GLN A 296 -29.51 -21.80 20.81
CA GLN A 296 -29.95 -22.72 21.86
C GLN A 296 -28.93 -22.62 23.00
N SER A 297 -29.30 -21.87 24.05
CA SER A 297 -28.39 -21.69 25.18
C SER A 297 -29.19 -21.15 26.37
N GLU A 298 -28.51 -21.09 27.51
CA GLU A 298 -29.07 -20.57 28.74
C GLU A 298 -28.95 -19.05 28.80
N ASP A 299 -29.95 -18.40 29.39
CA ASP A 299 -29.96 -16.95 29.48
C ASP A 299 -28.61 -16.41 29.93
N GLY A 300 -28.25 -15.25 29.40
CA GLY A 300 -26.96 -14.65 29.67
C GLY A 300 -25.80 -15.20 28.86
N HIS A 301 -26.07 -16.04 27.85
CA HIS A 301 -24.99 -16.62 27.05
C HIS A 301 -25.35 -16.77 25.58
N ARG A 302 -26.51 -16.28 25.13
CA ARG A 302 -26.86 -16.39 23.72
C ARG A 302 -26.29 -15.25 22.89
N THR A 303 -26.13 -14.06 23.48
CA THR A 303 -25.48 -12.98 22.76
C THR A 303 -24.06 -13.38 22.37
N GLU A 304 -23.27 -13.83 23.35
CA GLU A 304 -21.88 -14.19 23.09
C GLU A 304 -21.75 -15.29 22.05
N CYS A 305 -22.70 -16.21 21.98
CA CYS A 305 -22.65 -17.24 20.94
C CYS A 305 -22.91 -16.64 19.57
N PHE A 306 -23.89 -15.74 19.50
CA PHE A 306 -24.22 -15.09 18.23
C PHE A 306 -23.02 -14.33 17.68
N LEU A 307 -22.23 -13.70 18.54
CA LEU A 307 -21.07 -12.96 18.07
C LEU A 307 -19.94 -13.89 17.62
N GLN A 308 -19.78 -15.02 18.29
CA GLN A 308 -18.78 -15.99 17.84
C GLN A 308 -19.24 -16.78 16.62
N LEU A 309 -20.51 -16.68 16.24
CA LEU A 309 -21.01 -17.34 15.05
C LEU A 309 -20.89 -16.44 13.82
N VAL A 310 -21.11 -15.13 13.99
CA VAL A 310 -20.88 -14.15 12.93
C VAL A 310 -19.40 -14.01 12.62
N SER A 311 -18.55 -14.13 13.63
CA SER A 311 -17.12 -14.04 13.39
C SER A 311 -16.63 -15.23 12.58
N ASP A 312 -17.24 -16.41 12.75
CA ASP A 312 -16.80 -17.58 12.01
C ASP A 312 -17.21 -17.50 10.55
N ALA A 313 -18.38 -16.92 10.27
CA ALA A 313 -18.86 -16.77 8.90
C ALA A 313 -18.11 -15.67 8.16
N VAL A 314 -17.79 -14.59 8.86
CA VAL A 314 -16.93 -13.56 8.27
C VAL A 314 -15.58 -14.19 7.92
N TYR A 315 -14.83 -14.63 8.93
CA TYR A 315 -13.51 -15.21 8.66
C TYR A 315 -13.60 -16.32 7.62
N GLY A 316 -14.54 -17.24 7.80
CA GLY A 316 -14.55 -18.48 7.04
C GLY A 316 -14.88 -18.34 5.57
N SER A 317 -15.39 -17.19 5.15
CA SER A 317 -15.74 -17.01 3.74
C SER A 317 -14.60 -16.41 2.94
N GLY A 318 -13.57 -15.88 3.60
CA GLY A 318 -12.53 -15.11 2.94
C GLY A 318 -13.04 -13.97 2.10
N VAL A 319 -14.25 -13.47 2.38
CA VAL A 319 -14.83 -12.44 1.52
C VAL A 319 -14.18 -11.08 1.78
N LEU A 320 -13.74 -10.80 3.00
CA LEU A 320 -13.12 -9.50 3.28
C LEU A 320 -11.79 -9.33 2.58
N ASP A 321 -11.21 -10.39 2.03
CA ASP A 321 -9.84 -10.30 1.53
C ASP A 321 -9.80 -9.65 0.14
N ARG A 322 -10.58 -10.16 -0.80
CA ARG A 322 -10.66 -9.51 -2.11
C ARG A 322 -11.32 -8.15 -1.99
N LEU A 323 -12.30 -8.03 -1.10
CA LEU A 323 -12.81 -6.70 -0.80
C LEU A 323 -11.67 -5.74 -0.49
N LEU A 324 -10.71 -6.16 0.35
CA LEU A 324 -9.57 -5.29 0.65
C LEU A 324 -8.70 -5.07 -0.58
N GLU A 325 -8.63 -6.03 -1.49
CA GLU A 325 -7.82 -5.84 -2.69
C GLU A 325 -8.36 -4.69 -3.54
N ILE A 326 -9.68 -4.53 -3.62
CA ILE A 326 -10.22 -3.44 -4.44
C ILE A 326 -9.96 -2.10 -3.76
N GLN A 327 -10.20 -2.04 -2.45
CA GLN A 327 -10.00 -0.81 -1.68
C GLN A 327 -8.62 -0.24 -1.90
N LYS A 328 -7.63 -1.12 -2.04
CA LYS A 328 -6.25 -0.71 -2.24
C LYS A 328 -5.98 -0.24 -3.65
N LEU A 329 -6.98 -0.24 -4.54
CA LEU A 329 -6.83 0.49 -5.80
C LEU A 329 -6.63 1.99 -5.56
N ASP A 330 -7.03 2.49 -4.39
CA ASP A 330 -6.64 3.81 -3.88
C ASP A 330 -5.15 3.86 -3.57
N LYS A 331 -4.29 3.60 -4.58
CA LYS A 331 -2.85 3.48 -4.38
C LYS A 331 -2.20 4.74 -3.78
N LEU A 332 -2.67 5.92 -4.13
CA LEU A 332 -1.94 7.16 -3.91
C LEU A 332 -2.58 8.07 -2.86
N ASP A 333 -3.75 7.73 -2.33
CA ASP A 333 -4.47 8.53 -1.36
C ASP A 333 -5.05 9.76 -2.04
N ILE A 334 -6.18 10.29 -1.54
CA ILE A 334 -6.73 11.51 -2.10
C ILE A 334 -5.73 12.63 -2.13
N GLU A 335 -4.67 12.57 -1.32
CA GLU A 335 -3.70 13.66 -1.36
C GLU A 335 -2.90 13.63 -2.65
N GLY A 336 -2.92 12.52 -3.36
CA GLY A 336 -2.25 12.44 -4.64
C GLY A 336 -3.21 12.39 -5.80
N ALA A 337 -4.28 11.63 -5.66
CA ALA A 337 -5.24 11.50 -6.74
C ALA A 337 -5.95 12.82 -7.03
N ILE A 338 -6.04 13.71 -6.04
CA ILE A 338 -6.64 15.02 -6.29
C ILE A 338 -5.96 15.71 -7.47
N HIS A 339 -4.63 15.61 -7.57
CA HIS A 339 -3.92 16.32 -8.62
C HIS A 339 -4.25 15.75 -10.00
N CYS A 340 -4.32 14.42 -10.10
CA CYS A 340 -4.76 13.78 -11.34
C CYS A 340 -6.13 14.24 -11.78
N TYR A 341 -6.96 14.69 -10.84
CA TYR A 341 -8.33 15.02 -11.17
C TYR A 341 -8.42 16.37 -11.89
N TYR A 342 -7.67 17.37 -11.38
CA TYR A 342 -7.58 18.66 -12.08
C TYR A 342 -6.84 18.54 -13.41
N ASP A 343 -6.16 17.43 -13.68
CA ASP A 343 -5.75 17.14 -15.05
C ASP A 343 -6.94 16.65 -15.85
N ILE A 344 -7.61 15.61 -15.35
CA ILE A 344 -8.71 14.98 -16.08
C ILE A 344 -9.68 16.05 -16.59
N ILE A 345 -10.07 16.98 -15.73
CA ILE A 345 -11.03 18.02 -16.13
C ILE A 345 -10.29 19.26 -16.57
N ASN A 346 -9.09 19.09 -17.11
CA ASN A 346 -8.18 20.19 -17.45
C ASN A 346 -8.45 21.42 -16.61
N GLN A 347 -7.63 21.64 -15.59
CA GLN A 347 -7.90 22.71 -14.65
C GLN A 347 -6.59 23.15 -14.02
N PRO A 348 -6.46 24.40 -13.69
CA PRO A 348 -5.32 24.81 -12.86
C PRO A 348 -5.43 24.20 -11.48
N CYS A 349 -4.49 23.34 -11.14
CA CYS A 349 -4.52 22.69 -9.85
C CYS A 349 -4.56 23.74 -8.75
N PRO A 350 -5.68 23.90 -8.04
CA PRO A 350 -5.64 24.76 -6.86
C PRO A 350 -4.62 24.28 -5.85
N ILE A 351 -4.56 22.97 -5.58
CA ILE A 351 -3.67 22.42 -4.57
C ILE A 351 -2.28 22.95 -4.84
N CYS A 352 -1.63 22.44 -5.88
CA CYS A 352 -0.27 22.87 -6.21
C CYS A 352 -0.19 24.39 -6.29
N LYS A 353 0.62 24.98 -5.41
CA LYS A 353 1.00 26.39 -5.54
C LYS A 353 2.41 26.55 -4.96
N GLU A 354 2.87 27.80 -4.87
CA GLU A 354 4.28 28.06 -4.55
C GLU A 354 4.44 29.15 -3.49
N GLU A 361 3.07 20.00 -7.97
CA GLU A 361 3.80 18.75 -7.88
C GLU A 361 4.89 18.71 -8.94
N LEU A 362 4.47 19.01 -10.17
CA LEU A 362 5.38 19.01 -11.31
C LEU A 362 5.72 17.55 -11.67
N SER A 363 5.28 16.61 -10.83
CA SER A 363 5.49 15.19 -11.08
C SER A 363 4.20 14.54 -11.57
N LEU A 364 3.27 14.29 -10.64
CA LEU A 364 1.98 13.74 -11.02
C LEU A 364 1.43 14.46 -12.25
N HIS A 365 1.64 15.79 -12.32
CA HIS A 365 1.18 16.59 -13.45
C HIS A 365 2.02 16.37 -14.70
N ALA A 366 3.06 15.56 -14.64
CA ALA A 366 3.92 15.28 -15.77
C ALA A 366 3.62 13.94 -16.42
N LEU A 367 2.40 13.32 -16.10
CA LEU A 367 1.85 12.00 -16.46
C LEU A 367 1.03 12.07 -17.73
N PRO A 368 1.19 11.08 -18.61
CA PRO A 368 0.32 11.00 -19.79
C PRO A 368 -1.14 10.95 -19.36
N LEU A 369 -2.01 11.50 -20.22
CA LEU A 369 -3.44 11.56 -19.88
C LEU A 369 -3.96 10.22 -19.38
N ASP A 370 -3.68 9.14 -20.13
CA ASP A 370 -4.23 7.83 -19.80
C ASP A 370 -3.84 7.39 -18.39
N GLU A 371 -2.67 7.80 -17.90
CA GLU A 371 -2.29 7.44 -16.54
C GLU A 371 -3.00 8.32 -15.51
N SER A 372 -3.19 9.61 -15.81
CA SER A 372 -4.10 10.41 -15.00
C SER A 372 -5.46 9.72 -14.86
N LEU A 373 -5.96 9.14 -15.96
CA LEU A 373 -7.32 8.63 -16.00
C LEU A 373 -7.48 7.38 -15.14
N LYS A 374 -6.49 6.48 -15.17
CA LYS A 374 -6.57 5.23 -14.43
C LYS A 374 -6.47 5.46 -12.92
N ILE A 375 -5.68 6.44 -12.49
CA ILE A 375 -5.63 6.75 -11.06
C ILE A 375 -6.99 7.21 -10.58
N VAL A 376 -7.53 8.23 -11.22
CA VAL A 376 -8.86 8.72 -10.88
C VAL A 376 -9.88 7.61 -11.04
N LYS A 377 -9.85 6.90 -12.17
CA LYS A 377 -10.76 5.77 -12.30
C LYS A 377 -10.61 4.81 -11.12
N GLU A 378 -9.39 4.30 -10.91
CA GLU A 378 -9.16 3.31 -9.85
C GLU A 378 -9.49 3.86 -8.48
N TYR A 379 -9.22 5.14 -8.23
CA TYR A 379 -9.60 5.70 -6.94
C TYR A 379 -11.10 5.62 -6.72
N LEU A 380 -11.89 5.85 -7.76
CA LEU A 380 -13.35 5.80 -7.57
C LEU A 380 -13.86 4.38 -7.45
N ILE A 381 -13.18 3.40 -8.07
CA ILE A 381 -13.57 2.01 -7.84
C ILE A 381 -13.23 1.62 -6.40
N ALA A 382 -12.16 2.17 -5.83
CA ALA A 382 -11.88 1.92 -4.43
C ALA A 382 -12.95 2.55 -3.54
N ALA A 383 -13.33 3.79 -3.83
CA ALA A 383 -14.40 4.44 -3.10
C ALA A 383 -15.67 3.59 -3.08
N THR A 384 -15.93 2.82 -4.14
CA THR A 384 -17.06 1.90 -4.13
C THR A 384 -16.86 0.81 -3.09
N ALA A 385 -15.62 0.29 -2.99
CA ALA A 385 -15.32 -0.82 -2.07
C ALA A 385 -15.26 -0.39 -0.61
N LYS A 386 -14.89 0.85 -0.31
CA LYS A 386 -14.89 1.31 1.07
C LYS A 386 -16.28 1.63 1.59
N ASP A 387 -17.31 1.50 0.76
CA ASP A 387 -18.61 2.08 1.02
C ASP A 387 -19.74 1.07 0.92
N CYS A 388 -19.47 -0.13 0.45
CA CYS A 388 -20.43 -1.21 0.36
C CYS A 388 -20.63 -1.85 1.74
N SER A 389 -21.66 -2.66 1.83
CA SER A 389 -21.96 -3.43 3.03
C SER A 389 -22.03 -4.89 2.66
N ILE A 390 -21.96 -5.76 3.66
CA ILE A 390 -22.17 -7.16 3.39
C ILE A 390 -23.21 -7.67 4.38
N MET A 391 -23.97 -8.66 3.93
CA MET A 391 -25.06 -9.23 4.72
C MET A 391 -24.86 -10.73 4.80
N ILE A 392 -24.60 -11.23 6.02
CA ILE A 392 -24.56 -12.65 6.32
C ILE A 392 -25.92 -13.03 6.88
N SER A 393 -26.53 -14.06 6.30
CA SER A 393 -27.85 -14.49 6.71
C SER A 393 -27.77 -15.90 7.28
N PHE A 394 -28.61 -16.18 8.28
CA PHE A 394 -28.49 -17.38 9.10
C PHE A 394 -29.84 -18.01 9.37
N GLN A 395 -29.98 -19.30 9.02
CA GLN A 395 -31.16 -20.12 9.29
C GLN A 395 -30.79 -21.29 10.19
N SER A 396 -31.67 -21.60 11.14
CA SER A 396 -31.59 -22.78 12.02
C SER A 396 -30.54 -23.83 11.65
N ASN A 398 -31.18 -28.15 11.49
CA ASN A 398 -31.47 -29.09 12.57
C ASN A 398 -32.96 -29.19 12.80
N ALA A 399 -33.60 -28.04 12.99
CA ALA A 399 -35.04 -27.96 13.15
C ALA A 399 -35.76 -28.39 11.87
N GLY A 406 -23.38 -28.70 3.33
CA GLY A 406 -23.01 -27.70 2.33
C GLY A 406 -22.40 -26.43 2.88
N ASP A 407 -23.02 -25.28 2.58
CA ASP A 407 -22.56 -23.99 3.09
C ASP A 407 -23.13 -23.77 4.49
N TYR A 408 -22.26 -23.66 5.47
CA TYR A 408 -22.71 -23.55 6.86
C TYR A 408 -21.49 -23.35 7.76
N VAL A 409 -21.76 -23.17 9.05
CA VAL A 409 -20.76 -23.26 10.10
C VAL A 409 -21.42 -23.91 11.31
N SER A 410 -20.61 -24.19 12.33
CA SER A 410 -21.06 -24.90 13.52
C SER A 410 -20.53 -24.19 14.75
N LEU A 411 -21.45 -23.66 15.55
CA LEU A 411 -21.08 -23.04 16.82
C LEU A 411 -20.33 -24.06 17.68
N LYS A 412 -19.05 -23.81 17.95
CA LYS A 412 -18.21 -24.71 18.75
C LYS A 412 -18.94 -25.02 20.05
N PRO A 413 -19.31 -24.00 20.84
CA PRO A 413 -20.18 -24.24 22.00
C PRO A 413 -21.44 -25.02 21.62
N THR A 414 -22.58 -24.34 21.59
CA THR A 414 -23.86 -25.02 21.38
C THR A 414 -23.81 -25.90 20.13
N ASN A 415 -23.97 -27.22 20.34
CA ASN A 415 -23.74 -28.24 19.30
C ASN A 415 -24.67 -28.07 18.10
N GLN A 416 -24.84 -26.84 17.63
CA GLN A 416 -25.77 -26.51 16.57
C GLN A 416 -25.05 -26.37 15.24
N THR A 417 -25.81 -26.54 14.16
CA THR A 417 -25.31 -26.30 12.80
C THR A 417 -26.23 -25.29 12.11
N PHE A 418 -25.68 -24.11 11.80
CA PHE A 418 -26.35 -23.11 10.99
C PHE A 418 -25.81 -23.13 9.58
N ASP A 419 -26.66 -22.83 8.61
CA ASP A 419 -26.26 -22.56 7.25
C ASP A 419 -26.36 -21.07 6.97
N TYR A 420 -25.48 -20.56 6.11
CA TYR A 420 -25.41 -19.13 5.88
C TYR A 420 -25.04 -18.80 4.44
N LYS A 421 -25.33 -17.56 4.07
CA LYS A 421 -24.90 -16.98 2.80
C LYS A 421 -24.40 -15.57 3.05
N VAL A 422 -23.48 -15.11 2.21
CA VAL A 422 -22.91 -13.78 2.31
C VAL A 422 -23.03 -13.07 0.97
N HIS A 423 -23.43 -11.81 1.02
CA HIS A 423 -23.67 -11.01 -0.18
C HIS A 423 -23.23 -9.59 0.05
N PHE A 424 -22.76 -8.94 -1.00
CA PHE A 424 -22.47 -7.53 -0.95
C PHE A 424 -23.72 -6.71 -1.29
N ILE A 425 -23.71 -5.45 -0.87
CA ILE A 425 -24.77 -4.53 -1.25
C ILE A 425 -24.19 -3.13 -1.25
N ASP A 426 -24.80 -2.25 -2.02
CA ASP A 426 -24.32 -0.89 -2.29
C ASP A 426 -22.89 -0.91 -2.86
N LEU A 427 -22.83 -1.45 -4.07
CA LEU A 427 -21.69 -1.33 -4.95
C LEU A 427 -21.90 -0.20 -5.93
N SER A 428 -22.51 0.90 -5.48
CA SER A 428 -22.87 1.98 -6.37
C SER A 428 -21.64 2.69 -6.93
N LEU A 429 -21.85 3.42 -8.01
CA LEU A 429 -20.80 4.14 -8.71
C LEU A 429 -20.68 5.56 -8.16
N LYS A 430 -19.49 5.92 -7.73
CA LYS A 430 -19.36 7.22 -7.09
C LYS A 430 -19.18 8.28 -8.17
N PRO A 431 -19.94 9.37 -8.15
CA PRO A 431 -19.78 10.38 -9.20
C PRO A 431 -18.39 11.02 -9.17
N LEU A 432 -17.81 11.19 -10.36
CA LEU A 432 -16.51 11.83 -10.55
C LEU A 432 -16.40 13.17 -9.82
N LYS A 433 -17.43 14.03 -9.96
CA LYS A 433 -17.37 15.36 -9.37
C LYS A 433 -16.92 15.33 -7.91
N ARG A 434 -17.25 14.26 -7.19
CA ARG A 434 -16.97 14.14 -5.77
C ARG A 434 -15.47 14.03 -5.43
N MET A 435 -14.54 14.03 -6.40
CA MET A 435 -13.14 14.07 -6.01
C MET A 435 -12.84 15.32 -5.20
N GLU A 436 -13.55 16.42 -5.46
CA GLU A 436 -13.26 17.62 -4.69
C GLU A 436 -13.80 17.52 -3.27
N SER A 437 -14.91 16.81 -3.08
CA SER A 437 -15.45 16.64 -1.73
C SER A 437 -14.64 15.62 -0.94
N TYR A 438 -14.25 14.53 -1.58
CA TYR A 438 -13.33 13.59 -0.98
C TYR A 438 -12.10 14.30 -0.42
N TYR A 439 -11.49 15.19 -1.22
CA TYR A 439 -10.30 15.90 -0.77
C TYR A 439 -10.60 16.85 0.40
N LYS A 440 -11.62 17.71 0.26
CA LYS A 440 -11.94 18.69 1.30
C LYS A 440 -12.31 18.02 2.61
N LEU A 441 -12.95 16.85 2.57
CA LEU A 441 -13.23 16.13 3.81
C LEU A 441 -11.95 15.50 4.39
N ASP A 442 -11.14 14.85 3.55
CA ASP A 442 -9.86 14.35 4.06
C ASP A 442 -9.10 15.48 4.74
N LYS A 443 -8.95 16.63 4.06
CA LYS A 443 -8.21 17.75 4.64
C LYS A 443 -8.76 18.13 6.01
N LYS A 444 -10.08 18.15 6.18
CA LYS A 444 -10.63 18.55 7.46
C LYS A 444 -10.38 17.48 8.53
N ILE A 445 -10.54 16.20 8.18
CA ILE A 445 -10.40 15.13 9.15
C ILE A 445 -9.06 15.21 9.84
N ILE A 446 -7.97 15.24 9.07
CA ILE A 446 -6.65 15.26 9.66
C ILE A 446 -6.37 16.59 10.31
N SER A 447 -6.87 17.68 9.71
CA SER A 447 -6.69 19.00 10.30
C SER A 447 -7.29 19.06 11.70
N PHE A 448 -8.42 18.39 11.90
CA PHE A 448 -9.06 18.36 13.21
C PHE A 448 -8.33 17.43 14.17
N TYR A 449 -8.00 16.22 13.69
CA TYR A 449 -7.28 15.26 14.52
C TYR A 449 -5.91 15.79 14.93
N ASN A 450 -5.23 16.50 14.03
CA ASN A 450 -3.93 17.08 14.34
C ASN A 450 -4.03 17.95 15.58
N ARG A 451 -4.95 18.90 15.58
CA ARG A 451 -5.04 19.85 16.68
C ARG A 451 -5.52 19.16 17.94
N LYS A 452 -6.55 18.32 17.84
CA LYS A 452 -7.05 17.61 19.01
C LYS A 452 -6.04 16.63 19.54
N GLN A 453 -4.97 16.36 18.80
CA GLN A 453 -3.88 15.55 19.34
C GLN A 453 -2.76 16.44 19.89
N LYS A 454 -2.48 17.57 19.24
CA LYS A 454 -1.47 18.48 19.78
C LYS A 454 -1.96 19.12 21.08
N ALA A 455 -3.27 19.29 21.24
CA ALA A 455 -3.83 19.80 22.50
C ALA A 455 -3.58 18.75 23.57
N GLU A 456 -2.37 18.75 24.10
CA GLU A 456 -1.99 17.93 25.24
C GLU A 456 -0.47 17.97 25.40
N GLU B 13 61.28 22.66 22.93
CA GLU B 13 60.09 21.82 22.98
C GLU B 13 58.95 22.56 23.66
N VAL B 14 57.73 22.34 23.16
CA VAL B 14 56.56 23.08 23.61
C VAL B 14 55.47 22.09 23.98
N LEU B 15 54.66 22.47 24.97
CA LEU B 15 53.70 21.54 25.56
C LEU B 15 52.50 21.34 24.64
N PHE B 16 52.33 20.11 24.15
CA PHE B 16 51.25 19.79 23.23
C PHE B 16 50.07 19.16 23.97
N GLN B 17 48.86 19.56 23.56
CA GLN B 17 47.63 19.09 24.15
C GLN B 17 47.57 17.57 24.16
N GLY B 18 46.94 17.01 25.19
CA GLY B 18 46.76 15.58 25.28
C GLY B 18 45.82 15.05 24.21
N PRO B 19 45.69 13.74 24.10
CA PRO B 19 44.77 13.17 23.11
C PRO B 19 43.33 13.59 23.39
N MET B 20 42.65 14.11 22.36
CA MET B 20 41.27 14.55 22.51
C MET B 20 40.43 14.00 21.37
N GLU B 21 39.14 13.86 21.62
CA GLU B 21 38.23 13.29 20.64
C GLU B 21 37.72 14.37 19.70
N MET B 22 37.90 14.11 18.40
CA MET B 22 37.39 15.00 17.37
C MET B 22 35.89 15.14 17.48
N ILE B 23 35.41 16.38 17.55
CA ILE B 23 33.99 16.68 17.67
C ILE B 23 33.67 17.81 16.70
N LEU B 24 33.14 17.47 15.54
CA LEU B 24 32.54 18.47 14.67
C LEU B 24 31.45 19.20 15.44
N GLU B 25 31.67 20.49 15.69
CA GLU B 25 30.72 21.34 16.38
C GLU B 25 29.95 22.16 15.35
N GLU B 26 29.16 23.14 15.82
CA GLU B 26 28.43 24.01 14.90
C GLU B 26 29.35 24.68 13.88
N LYS B 27 30.64 24.81 14.21
CA LYS B 27 31.63 25.51 13.39
C LYS B 27 31.97 24.79 12.09
N ASP B 28 31.58 23.51 11.96
CA ASP B 28 31.98 22.71 10.80
C ASP B 28 30.88 22.57 9.75
N ALA B 29 29.67 23.03 10.04
CA ALA B 29 28.53 22.88 9.15
C ALA B 29 28.88 23.29 7.72
N SER B 30 29.16 24.58 7.50
CA SER B 30 29.49 25.06 6.16
C SER B 30 30.60 24.27 5.50
N ASP B 31 31.42 23.56 6.27
CA ASP B 31 32.59 22.84 5.72
C ASP B 31 32.20 21.56 4.96
N TRP B 32 30.92 21.35 4.66
CA TRP B 32 30.49 20.12 4.03
C TRP B 32 29.37 20.45 3.05
N ILE B 33 29.32 19.67 1.96
CA ILE B 33 28.37 19.88 0.89
C ILE B 33 27.62 18.58 0.62
N TYR B 34 26.32 18.70 0.41
CA TYR B 34 25.45 17.56 0.11
C TYR B 34 25.98 16.72 -1.05
N ARG B 35 26.07 15.41 -0.84
CA ARG B 35 26.41 14.47 -1.91
C ARG B 35 25.17 13.71 -2.40
N GLY B 36 24.65 12.79 -1.60
CA GLY B 36 23.45 12.07 -1.97
C GLY B 36 22.79 11.47 -0.76
N GLU B 37 21.74 10.68 -1.01
CA GLU B 37 21.00 10.03 0.06
C GLU B 37 20.56 8.66 -0.38
N GLY B 38 19.83 8.01 0.52
CA GLY B 38 19.14 6.77 0.27
C GLY B 38 17.95 6.75 1.18
N GLY B 39 17.38 5.57 1.42
CA GLY B 39 16.26 5.50 2.34
C GLY B 39 16.60 5.87 3.77
N ALA B 40 17.89 5.78 4.14
CA ALA B 40 18.29 5.79 5.54
C ALA B 40 19.38 6.81 5.90
N ASN B 41 20.27 7.15 4.97
CA ASN B 41 21.44 7.94 5.29
C ASN B 41 21.58 9.17 4.40
N LEU B 42 22.15 10.22 4.97
CA LEU B 42 22.62 11.39 4.27
C LEU B 42 24.14 11.32 4.25
N VAL B 43 24.75 11.57 3.11
CA VAL B 43 26.20 11.46 3.02
C VAL B 43 26.75 12.67 2.27
N LEU B 44 27.74 13.34 2.89
CA LEU B 44 28.34 14.58 2.40
C LEU B 44 29.82 14.36 2.13
N ALA B 45 30.36 15.14 1.18
CA ALA B 45 31.78 15.16 0.89
C ALA B 45 32.41 16.40 1.50
N TYR B 46 33.73 16.34 1.72
CA TYR B 46 34.44 17.40 2.44
C TYR B 46 34.84 18.55 1.51
N ALA B 47 34.47 19.76 1.91
CA ALA B 47 34.67 20.94 1.08
C ALA B 47 35.52 21.99 1.80
N GLY B 48 36.76 21.65 2.10
CA GLY B 48 37.66 22.54 2.80
C GLY B 48 39.08 22.03 2.69
N SER B 49 39.89 22.36 3.71
CA SER B 49 41.32 22.10 3.68
C SER B 49 41.86 21.27 4.85
N SER B 50 41.06 21.04 5.90
CA SER B 50 41.53 20.26 7.04
C SER B 50 42.01 18.88 6.60
N PRO B 51 43.28 18.52 6.85
CA PRO B 51 43.83 17.26 6.33
C PRO B 51 43.26 16.01 6.99
N LEU B 52 42.60 16.15 8.14
CA LEU B 52 41.85 15.05 8.72
C LEU B 52 40.65 14.68 7.88
N PHE B 53 40.24 15.54 6.94
CA PHE B 53 38.99 15.36 6.25
C PHE B 53 39.07 15.63 4.76
N VAL B 54 40.26 15.81 4.19
CA VAL B 54 40.33 15.93 2.74
C VAL B 54 40.15 14.56 2.13
N GLY B 55 39.29 14.47 1.12
CA GLY B 55 39.01 13.19 0.48
C GLY B 55 38.13 12.26 1.27
N LYS B 56 37.39 12.79 2.24
CA LYS B 56 36.55 11.99 3.13
C LYS B 56 35.10 12.43 3.01
N VAL B 57 34.19 11.46 3.02
CA VAL B 57 32.77 11.74 3.11
C VAL B 57 32.36 11.52 4.56
N ILE B 58 31.23 12.13 4.93
CA ILE B 58 30.60 11.89 6.22
C ILE B 58 29.19 11.38 5.97
N ARG B 59 28.75 10.45 6.81
CA ARG B 59 27.48 9.76 6.65
C ARG B 59 26.67 9.94 7.91
N ILE B 60 25.49 10.54 7.78
CA ILE B 60 24.65 10.92 8.90
C ILE B 60 23.34 10.15 8.81
N GLN B 61 22.81 9.72 9.95
CA GLN B 61 21.56 8.97 9.93
C GLN B 61 20.38 9.92 9.99
N LYS B 62 19.29 9.50 9.34
CA LYS B 62 18.04 10.23 9.31
C LYS B 62 17.00 9.52 10.16
N ALA B 63 16.02 10.28 10.60
CA ALA B 63 14.92 9.80 11.43
C ALA B 63 13.67 9.75 10.56
N ARG B 64 13.29 8.55 10.15
CA ARG B 64 11.97 8.35 9.56
C ARG B 64 10.94 9.02 10.45
N ARG B 65 10.25 10.05 9.92
CA ARG B 65 9.33 10.88 10.70
C ARG B 65 8.32 10.05 11.48
N ASN B 66 8.33 8.74 11.24
CA ASN B 66 7.46 7.76 11.88
C ASN B 66 8.28 6.92 12.87
N ASP B 67 8.07 7.19 14.17
CA ASP B 67 8.73 6.54 15.32
C ASP B 67 9.72 7.47 16.03
N SER B 78 19.09 0.69 23.76
CA SER B 78 17.94 1.01 22.90
C SER B 78 18.33 0.97 21.41
N VAL B 79 19.52 0.42 21.14
CA VAL B 79 19.99 0.26 19.77
C VAL B 79 19.40 -0.98 19.12
N LEU B 80 19.19 -2.05 19.87
CA LEU B 80 18.51 -3.24 19.39
C LEU B 80 17.31 -3.51 20.30
N THR B 81 16.21 -3.94 19.70
CA THR B 81 15.07 -4.40 20.46
C THR B 81 15.40 -5.67 21.22
N SER B 82 14.43 -6.21 21.98
CA SER B 82 14.68 -7.46 22.69
C SER B 82 14.81 -8.63 21.72
N ASP B 83 13.94 -8.69 20.72
CA ASP B 83 14.02 -9.77 19.74
C ASP B 83 15.36 -9.73 18.97
N GLU B 84 15.84 -8.53 18.62
CA GLU B 84 17.09 -8.42 17.89
C GLU B 84 18.28 -8.87 18.72
N GLN B 85 18.21 -8.69 20.05
CA GLN B 85 19.26 -9.14 20.95
C GLN B 85 19.23 -10.65 21.14
N HIS B 86 18.03 -11.26 21.09
CA HIS B 86 17.91 -12.72 21.11
C HIS B 86 18.45 -13.35 19.84
N LEU B 87 18.30 -12.66 18.69
CA LEU B 87 18.77 -13.18 17.41
C LEU B 87 20.28 -13.05 17.29
N TRP B 88 20.82 -11.86 17.58
CA TRP B 88 22.23 -11.57 17.41
C TRP B 88 23.06 -11.96 18.61
N ARG B 89 22.47 -12.66 19.58
CA ARG B 89 23.13 -13.09 20.80
C ARG B 89 24.58 -13.53 20.58
N GLU B 90 24.82 -14.48 19.67
CA GLU B 90 26.17 -15.02 19.43
C GLU B 90 27.18 -13.95 19.09
N ASN B 91 26.75 -12.71 18.99
CA ASN B 91 27.60 -11.58 18.63
C ASN B 91 27.59 -10.64 19.82
N ASN B 92 28.35 -10.97 20.87
CA ASN B 92 28.31 -10.16 22.07
C ASN B 92 28.73 -8.73 21.77
N GLU B 93 29.74 -8.58 20.92
CA GLU B 93 30.18 -7.24 20.52
C GLU B 93 29.03 -6.46 19.89
N LEU B 94 28.46 -6.98 18.81
CA LEU B 94 27.35 -6.33 18.12
C LEU B 94 26.27 -5.92 19.12
N ILE B 95 25.71 -6.89 19.82
CA ILE B 95 24.58 -6.72 20.71
C ILE B 95 24.87 -5.74 21.85
N SER B 96 26.12 -5.37 22.06
CA SER B 96 26.47 -4.47 23.15
C SER B 96 26.92 -3.11 22.63
N SER B 97 26.58 -2.77 21.39
CA SER B 97 27.00 -1.49 20.83
C SER B 97 26.29 -0.33 21.54
N PRO B 98 27.00 0.76 21.85
CA PRO B 98 26.38 1.90 22.54
C PRO B 98 25.47 2.75 21.67
N ASN B 99 25.74 2.81 20.37
CA ASN B 99 25.00 3.70 19.51
C ASN B 99 24.92 3.09 18.11
N LYS B 100 23.97 3.58 17.32
CA LYS B 100 23.87 3.11 15.95
C LYS B 100 25.24 3.11 15.26
N GLU B 101 25.92 4.27 15.22
CA GLU B 101 27.20 4.35 14.51
C GLU B 101 28.14 3.21 14.90
N VAL B 102 28.26 2.93 16.21
CA VAL B 102 29.10 1.82 16.60
C VAL B 102 28.46 0.49 16.24
N LEU B 103 27.13 0.44 16.14
CA LEU B 103 26.49 -0.80 15.73
C LEU B 103 26.88 -1.17 14.30
N GLU B 104 26.80 -0.20 13.38
CA GLU B 104 27.10 -0.48 11.97
C GLU B 104 28.57 -0.85 11.78
N GLN B 105 29.49 -0.10 12.39
CA GLN B 105 30.91 -0.47 12.31
C GLN B 105 31.13 -1.92 12.73
N ARG B 106 30.43 -2.35 13.80
CA ARG B 106 30.65 -3.69 14.33
C ARG B 106 29.95 -4.77 13.52
N TYR B 107 28.81 -4.44 12.89
CA TYR B 107 28.20 -5.34 11.92
C TYR B 107 29.12 -5.57 10.72
N VAL B 108 29.51 -4.49 10.03
CA VAL B 108 30.43 -4.63 8.89
C VAL B 108 31.70 -5.35 9.31
N GLN B 109 32.28 -4.94 10.43
CA GLN B 109 33.59 -5.44 10.77
C GLN B 109 33.52 -6.89 11.22
N ASN B 110 32.44 -7.31 11.90
CA ASN B 110 32.43 -8.61 12.56
C ASN B 110 31.57 -9.68 11.89
N VAL B 111 30.65 -9.32 10.99
CA VAL B 111 29.79 -10.27 10.32
C VAL B 111 30.03 -10.29 8.81
N ILE B 112 30.15 -9.11 8.21
CA ILE B 112 30.16 -9.00 6.75
C ILE B 112 31.55 -9.33 6.19
N ILE B 113 32.59 -8.73 6.74
CA ILE B 113 33.96 -8.92 6.24
C ILE B 113 34.42 -10.36 6.43
N PRO B 114 34.05 -11.06 7.50
CA PRO B 114 34.41 -12.48 7.60
C PRO B 114 33.89 -13.27 6.41
N LEU B 115 32.95 -12.65 5.69
CA LEU B 115 32.22 -13.26 4.58
C LEU B 115 32.64 -12.72 3.23
N LEU B 116 32.93 -11.43 3.14
CA LEU B 116 33.25 -10.76 1.89
C LEU B 116 34.75 -10.63 1.63
N GLY B 117 35.61 -10.96 2.60
CA GLY B 117 37.01 -10.60 2.56
C GLY B 117 37.17 -9.11 2.86
N PRO B 118 38.23 -8.73 3.59
CA PRO B 118 38.51 -7.30 3.79
C PRO B 118 38.95 -6.61 2.52
N LYS B 119 39.15 -7.40 1.46
CA LYS B 119 39.65 -6.89 0.19
C LYS B 119 38.98 -5.57 -0.20
N HIS B 120 37.65 -5.52 -0.19
CA HIS B 120 36.93 -4.42 -0.82
C HIS B 120 36.04 -3.63 0.12
N VAL B 121 36.16 -3.82 1.44
CA VAL B 121 35.28 -3.17 2.41
C VAL B 121 36.08 -2.18 3.24
N ASP B 122 35.48 -1.01 3.48
CA ASP B 122 36.10 0.07 4.24
C ASP B 122 35.32 0.24 5.54
N ALA B 123 36.02 0.11 6.67
CA ALA B 123 35.35 -0.03 7.95
C ALA B 123 34.47 1.18 8.24
N GLY B 124 35.03 2.38 8.15
CA GLY B 124 34.35 3.58 8.57
C GLY B 124 34.77 3.93 9.99
N VAL B 125 35.06 5.19 10.23
CA VAL B 125 35.53 5.65 11.53
C VAL B 125 34.47 6.53 12.16
N ARG B 126 34.45 6.55 13.49
CA ARG B 126 33.47 7.33 14.24
C ARG B 126 34.01 8.72 14.57
N VAL B 127 33.15 9.72 14.39
CA VAL B 127 33.42 11.06 14.88
C VAL B 127 32.25 11.44 15.76
N SER B 128 32.49 12.37 16.66
CA SER B 128 31.42 12.93 17.47
C SER B 128 30.88 14.18 16.79
N VAL B 129 29.62 14.48 17.05
CA VAL B 129 28.99 15.66 16.46
C VAL B 129 27.98 16.21 17.46
N SER B 130 27.83 17.53 17.47
CA SER B 130 26.91 18.16 18.39
C SER B 130 25.49 18.17 17.81
N LYS B 131 24.50 18.32 18.71
CA LYS B 131 23.15 18.62 18.24
C LYS B 131 23.13 19.84 17.35
N GLU B 132 24.12 20.72 17.51
CA GLU B 132 24.18 21.92 16.69
C GLU B 132 24.63 21.60 15.27
N PHE B 133 25.82 20.99 15.11
CA PHE B 133 26.31 20.55 13.81
C PHE B 133 25.21 19.90 12.98
N LEU B 134 24.50 18.94 13.58
CA LEU B 134 23.53 18.14 12.84
C LEU B 134 22.43 19.02 12.25
N GLU B 135 21.69 19.74 13.09
CA GLU B 135 20.64 20.60 12.58
C GLU B 135 21.16 21.65 11.59
N CYS B 136 22.48 21.83 11.50
CA CYS B 136 23.08 22.82 10.62
C CYS B 136 23.44 22.26 9.25
N VAL B 137 23.95 21.03 9.20
CA VAL B 137 24.08 20.39 7.89
C VAL B 137 22.69 20.14 7.30
N ASP B 138 21.71 19.86 8.17
CA ASP B 138 20.33 19.67 7.71
C ASP B 138 19.84 20.88 6.92
N LYS B 139 20.25 22.08 7.32
CA LYS B 139 19.78 23.31 6.67
C LYS B 139 20.45 23.53 5.31
N LYS B 140 21.78 23.68 5.31
CA LYS B 140 22.47 24.13 4.10
C LYS B 140 22.38 23.17 2.94
N VAL B 141 21.96 21.92 3.18
CA VAL B 141 21.75 20.93 2.12
C VAL B 141 20.29 20.51 2.01
N THR B 142 19.38 21.10 2.78
CA THR B 142 17.98 20.76 2.59
C THR B 142 17.48 21.19 1.21
N LYS B 143 18.17 22.14 0.57
CA LYS B 143 17.74 22.58 -0.76
C LYS B 143 18.09 21.58 -1.85
N GLN B 144 19.26 20.93 -1.78
CA GLN B 144 19.57 19.86 -2.72
C GLN B 144 18.86 18.55 -2.39
N ARG B 145 17.86 18.56 -1.45
CA ARG B 145 17.20 17.31 -1.11
C ARG B 145 15.92 17.15 -1.92
N PRO B 146 15.69 15.96 -2.46
CA PRO B 146 14.45 15.70 -3.19
C PRO B 146 13.23 15.87 -2.30
N LEU B 147 12.20 16.51 -2.87
CA LEU B 147 11.00 16.85 -2.09
C LEU B 147 10.47 15.64 -1.35
N TRP B 148 10.28 14.51 -2.06
CA TRP B 148 9.70 13.33 -1.41
C TRP B 148 10.63 12.69 -0.37
N ARG B 149 11.90 13.08 -0.31
CA ARG B 149 12.78 12.60 0.76
C ARG B 149 12.59 13.41 2.04
N VAL B 150 12.67 14.74 1.93
CA VAL B 150 12.51 15.61 3.10
C VAL B 150 11.20 15.33 3.79
N ASN B 151 10.14 15.12 3.00
CA ASN B 151 8.85 14.72 3.54
C ASN B 151 8.92 13.34 4.22
N ALA B 152 9.81 12.47 3.75
CA ALA B 152 9.94 11.14 4.31
C ALA B 152 10.76 11.12 5.59
N ALA B 153 11.66 12.08 5.79
CA ALA B 153 12.57 12.01 6.92
C ALA B 153 13.47 13.24 6.92
N ASN B 154 14.12 13.43 8.06
CA ASN B 154 15.06 14.51 8.30
C ASN B 154 16.32 13.93 8.93
N VAL B 155 17.40 14.71 8.97
CA VAL B 155 18.56 14.30 9.75
C VAL B 155 18.14 14.11 11.19
N ASP B 156 18.61 13.03 11.79
CA ASP B 156 18.25 12.68 13.17
C ASP B 156 19.24 13.35 14.12
N THR B 157 18.76 14.33 14.90
CA THR B 157 19.63 15.06 15.81
C THR B 157 19.99 14.24 17.03
N SER B 158 19.09 13.35 17.46
CA SER B 158 19.31 12.46 18.60
C SER B 158 20.73 11.91 18.66
N HIS B 159 21.40 11.86 17.50
CA HIS B 159 22.67 11.16 17.37
C HIS B 159 23.85 12.01 17.81
N ASP B 160 24.85 11.35 18.37
CA ASP B 160 26.07 11.98 18.83
C ASP B 160 27.25 11.68 17.93
N SER B 161 27.07 10.83 16.91
CA SER B 161 28.18 10.44 16.06
C SER B 161 27.72 10.37 14.62
N ALA B 162 28.69 10.33 13.72
CA ALA B 162 28.53 10.05 12.32
C ALA B 162 29.61 9.05 11.93
N LEU B 163 29.55 8.57 10.69
CA LEU B 163 30.64 7.75 10.15
C LEU B 163 31.43 8.60 9.17
N ILE B 164 32.75 8.38 9.15
CA ILE B 164 33.67 9.10 8.27
C ILE B 164 34.29 8.07 7.33
N LEU B 165 33.90 8.10 6.06
CA LEU B 165 34.32 7.11 5.08
C LEU B 165 35.10 7.79 3.97
N ASN B 166 36.03 7.06 3.35
CA ASN B 166 36.73 7.62 2.20
C ASN B 166 35.78 7.83 1.03
N ASP B 167 35.73 9.06 0.50
CA ASP B 167 34.99 9.28 -0.73
C ASP B 167 35.64 8.44 -1.83
N HIS B 168 34.84 7.57 -2.47
CA HIS B 168 35.34 6.65 -3.48
C HIS B 168 35.27 7.23 -4.89
N SER B 169 34.66 8.39 -5.05
CA SER B 169 34.71 9.11 -6.31
C SER B 169 36.01 9.88 -6.49
N LEU B 170 36.89 9.87 -5.48
CA LEU B 170 38.27 10.35 -5.57
C LEU B 170 39.23 9.17 -5.68
N PHE B 171 40.42 9.46 -6.20
CA PHE B 171 41.46 8.46 -6.34
C PHE B 171 42.75 8.91 -5.65
N ASP B 180 42.23 13.76 -13.06
CA ASP B 180 40.80 13.53 -13.17
C ASP B 180 40.45 12.09 -12.85
N CYS B 181 39.30 11.89 -12.19
CA CYS B 181 38.85 10.58 -11.78
C CYS B 181 37.36 10.43 -12.07
N ILE B 182 36.98 9.30 -12.65
CA ILE B 182 35.59 8.98 -12.97
C ILE B 182 35.17 7.75 -12.18
N SER B 183 34.08 7.89 -11.43
CA SER B 183 33.54 6.80 -10.62
C SER B 183 32.11 6.49 -11.05
N VAL B 184 31.76 5.20 -11.07
CA VAL B 184 30.42 4.73 -11.35
C VAL B 184 29.94 3.93 -10.16
N GLU B 185 28.70 4.19 -9.74
CA GLU B 185 28.02 3.37 -8.74
C GLU B 185 27.06 2.42 -9.43
N ILE B 186 26.99 1.19 -8.94
CA ILE B 186 26.01 0.23 -9.38
C ILE B 186 25.32 -0.31 -8.14
N LYS B 187 24.00 -0.27 -8.11
CA LYS B 187 23.21 -0.92 -7.08
C LYS B 187 22.60 -2.16 -7.73
N PRO B 188 23.29 -3.31 -7.72
CA PRO B 188 22.87 -4.42 -8.60
C PRO B 188 21.56 -5.11 -8.19
N LYS B 189 21.16 -5.07 -6.91
CA LYS B 189 20.00 -5.82 -6.45
C LYS B 189 20.28 -7.32 -6.49
N CYS B 190 19.24 -8.13 -6.62
CA CYS B 190 19.37 -9.57 -6.45
C CYS B 190 19.54 -10.27 -7.79
N GLY B 191 20.57 -11.10 -7.89
CA GLY B 191 20.91 -11.73 -9.15
C GLY B 191 20.76 -13.23 -9.23
N PHE B 192 19.77 -13.82 -8.53
CA PHE B 192 19.50 -15.25 -8.68
C PHE B 192 17.99 -15.51 -8.58
N LEU B 193 17.61 -16.76 -8.84
CA LEU B 193 16.21 -17.14 -8.84
C LEU B 193 15.93 -18.11 -7.71
N PRO B 194 14.92 -17.88 -6.88
CA PRO B 194 14.61 -18.83 -5.82
C PRO B 194 14.34 -20.23 -6.34
N THR B 195 14.54 -21.19 -5.45
CA THR B 195 14.44 -22.63 -5.68
C THR B 195 13.59 -23.33 -4.62
N SER B 196 13.27 -22.63 -3.53
CA SER B 196 12.69 -23.23 -2.32
C SER B 196 11.50 -24.12 -2.60
N ARG B 197 11.47 -25.27 -1.93
CA ARG B 197 10.28 -26.10 -1.99
C ARG B 197 9.07 -25.44 -1.36
N PHE B 198 9.23 -24.24 -0.79
CA PHE B 198 8.16 -23.55 -0.08
C PHE B 198 7.45 -22.53 -0.96
N ILE B 199 7.87 -22.38 -2.21
CA ILE B 199 7.22 -21.47 -3.13
C ILE B 199 6.08 -22.23 -3.79
N GLY B 200 4.84 -21.91 -3.43
CA GLY B 200 3.70 -22.68 -3.88
C GLY B 200 3.58 -22.72 -5.39
N LYS B 201 2.62 -23.54 -5.86
CA LYS B 201 2.41 -23.67 -7.31
C LYS B 201 1.83 -22.39 -7.93
N GLU B 202 0.93 -21.69 -7.21
CA GLU B 202 0.39 -20.43 -7.72
C GLU B 202 1.50 -19.41 -7.93
N ASN B 203 2.42 -19.31 -6.97
CA ASN B 203 3.53 -18.36 -7.04
C ASN B 203 4.73 -18.89 -7.84
N MET B 204 4.49 -19.68 -8.88
CA MET B 204 5.59 -20.40 -9.54
C MET B 204 6.55 -19.47 -10.27
N LEU B 205 6.03 -18.39 -10.87
CA LEU B 205 6.89 -17.54 -11.67
C LEU B 205 8.07 -16.98 -10.89
N LYS B 206 8.03 -16.98 -9.54
CA LYS B 206 9.18 -16.53 -8.75
C LYS B 206 10.46 -17.31 -9.09
N THR B 207 10.30 -18.59 -9.47
CA THR B 207 11.43 -19.43 -9.83
C THR B 207 11.92 -19.19 -11.26
N SER B 208 11.28 -18.32 -12.05
CA SER B 208 11.80 -18.09 -13.40
C SER B 208 11.77 -16.64 -13.86
N VAL B 209 11.42 -15.66 -13.00
CA VAL B 209 11.41 -14.25 -13.38
C VAL B 209 11.95 -13.43 -12.22
N SER B 210 13.03 -12.70 -12.44
CA SER B 210 13.70 -12.05 -11.33
C SER B 210 12.71 -11.25 -10.49
N ARG B 211 13.03 -11.13 -9.19
CA ARG B 211 12.31 -10.22 -8.33
C ARG B 211 12.38 -8.80 -8.82
N PHE B 212 13.52 -8.42 -9.42
CA PHE B 212 13.69 -7.07 -9.93
C PHE B 212 12.74 -6.80 -11.06
N LYS B 213 12.60 -7.76 -11.98
CA LYS B 213 11.67 -7.58 -13.09
C LYS B 213 10.23 -7.46 -12.60
N MET B 214 9.79 -8.40 -11.75
CA MET B 214 8.42 -8.39 -11.23
C MET B 214 8.13 -7.15 -10.37
N HIS B 215 9.10 -6.70 -9.59
CA HIS B 215 8.91 -5.52 -8.76
C HIS B 215 8.80 -4.24 -9.59
N GLN B 216 9.30 -4.26 -10.82
CA GLN B 216 9.29 -3.08 -11.68
C GLN B 216 7.88 -2.71 -12.11
N LEU B 217 7.01 -3.72 -12.34
CA LEU B 217 5.62 -3.42 -12.69
C LEU B 217 4.89 -2.77 -11.52
N LEU B 218 4.96 -3.39 -10.35
CA LEU B 218 4.48 -2.78 -9.11
C LEU B 218 4.93 -1.33 -8.95
N LYS B 219 6.21 -1.03 -9.25
CA LYS B 219 6.71 0.34 -9.07
C LYS B 219 6.02 1.33 -10.02
N LEU B 220 5.89 0.95 -11.29
CA LEU B 220 5.14 1.75 -12.27
C LEU B 220 3.74 2.06 -11.75
N GLU B 221 2.99 1.00 -11.42
CA GLU B 221 1.64 1.11 -10.87
C GLU B 221 1.57 2.22 -9.83
N TYR B 222 2.65 2.38 -9.07
CA TYR B 222 2.69 3.34 -7.98
C TYR B 222 3.38 4.64 -8.35
N ILE B 223 3.54 4.92 -9.64
CA ILE B 223 4.13 6.18 -10.12
C ILE B 223 5.51 6.38 -9.52
N GLU B 224 6.17 5.29 -9.13
CA GLU B 224 7.47 5.36 -8.48
C GLU B 224 8.62 5.41 -9.47
N ILE B 225 8.46 4.84 -10.66
CA ILE B 225 9.39 5.00 -11.78
C ILE B 225 8.56 5.51 -12.95
N SER B 226 9.20 5.72 -14.09
CA SER B 226 8.52 6.13 -15.33
C SER B 226 8.60 5.09 -16.45
N GLU B 227 9.71 4.40 -16.61
CA GLU B 227 9.77 3.29 -17.54
C GLU B 227 10.02 2.02 -16.75
N GLU B 228 9.76 0.89 -17.40
CA GLU B 228 10.30 -0.37 -16.91
C GLU B 228 11.78 -0.40 -17.27
N SER B 229 12.64 -0.52 -16.27
CA SER B 229 14.08 -0.51 -16.49
C SER B 229 14.49 -1.64 -17.43
N GLU B 230 15.57 -1.40 -18.16
CA GLU B 230 16.14 -2.42 -19.03
C GLU B 230 17.07 -3.34 -18.26
N TYR B 231 17.80 -2.80 -17.28
CA TYR B 231 18.68 -3.61 -16.45
C TYR B 231 17.94 -4.85 -15.96
N ASP B 232 18.69 -5.93 -15.81
CA ASP B 232 18.21 -7.21 -15.31
C ASP B 232 19.35 -7.90 -14.57
N PRO B 233 19.33 -7.91 -13.22
CA PRO B 233 20.47 -8.40 -12.43
C PRO B 233 21.01 -9.77 -12.82
N LEU B 234 20.19 -10.62 -13.44
CA LEU B 234 20.69 -11.95 -13.84
C LEU B 234 21.82 -11.87 -14.86
N ASP B 235 21.87 -10.81 -15.67
CA ASP B 235 22.98 -10.60 -16.61
C ASP B 235 24.25 -10.18 -15.90
N LEU B 236 24.15 -9.16 -15.05
CA LEU B 236 25.32 -8.63 -14.37
C LEU B 236 26.00 -9.70 -13.52
N PHE B 237 25.21 -10.58 -12.90
CA PHE B 237 25.71 -11.66 -12.08
C PHE B 237 25.88 -12.95 -12.85
N SER B 238 25.45 -12.99 -14.12
CA SER B 238 25.59 -14.18 -14.93
C SER B 238 27.02 -14.68 -14.98
N GLY B 239 28.00 -13.80 -14.84
CA GLY B 239 29.39 -14.19 -15.00
C GLY B 239 29.77 -14.52 -16.42
N SER B 240 28.98 -14.11 -17.40
CA SER B 240 29.32 -14.20 -18.82
C SER B 240 29.59 -12.78 -19.29
N LYS B 241 30.75 -12.53 -19.90
CA LYS B 241 31.10 -11.11 -20.04
C LYS B 241 30.26 -10.38 -21.09
N GLU B 242 29.40 -11.09 -21.83
CA GLU B 242 28.52 -10.48 -22.82
C GLU B 242 27.25 -9.93 -22.15
N ARG B 243 26.58 -10.77 -21.36
CA ARG B 243 25.46 -10.31 -20.56
C ARG B 243 25.89 -9.23 -19.59
N VAL B 244 27.16 -9.24 -19.16
CA VAL B 244 27.62 -8.22 -18.24
C VAL B 244 27.72 -6.87 -18.93
N LEU B 245 28.12 -6.88 -20.19
CA LEU B 245 28.12 -5.63 -20.94
C LEU B 245 26.68 -5.18 -21.24
N GLU B 246 25.77 -6.12 -21.53
CA GLU B 246 24.39 -5.74 -21.78
C GLU B 246 23.76 -5.08 -20.55
N ALA B 247 24.12 -5.51 -19.35
CA ALA B 247 23.58 -4.86 -18.16
C ALA B 247 24.02 -3.41 -18.06
N ILE B 248 25.30 -3.13 -18.39
CA ILE B 248 25.81 -1.76 -18.24
C ILE B 248 25.13 -0.84 -19.23
N LYS B 249 25.11 -1.22 -20.51
CA LYS B 249 24.36 -0.45 -21.49
C LYS B 249 22.91 -0.30 -21.03
N ALA B 250 22.31 -1.41 -20.60
CA ALA B 250 20.98 -1.37 -20.00
C ALA B 250 20.89 -0.35 -18.88
N LEU B 251 21.79 -0.42 -17.89
CA LEU B 251 21.82 0.57 -16.82
C LEU B 251 22.02 1.98 -17.34
N TYR B 252 22.82 2.11 -18.41
CA TYR B 252 23.14 3.43 -18.95
C TYR B 252 21.90 4.19 -19.39
N SER B 253 20.93 3.49 -19.98
CA SER B 253 19.75 4.12 -20.56
C SER B 253 18.58 4.25 -19.59
N THR B 254 18.46 3.31 -18.66
CA THR B 254 17.49 3.38 -17.56
C THR B 254 18.27 3.26 -16.26
N PRO B 255 18.99 4.30 -15.86
CA PRO B 255 19.74 4.22 -14.59
C PRO B 255 18.87 3.93 -13.37
N GLN B 256 17.64 4.46 -13.31
CA GLN B 256 16.85 4.50 -12.07
C GLN B 256 17.75 4.78 -10.87
N ASN B 257 17.58 4.06 -9.76
CA ASN B 257 18.48 4.24 -8.63
C ASN B 257 19.61 3.21 -8.63
N ASN B 258 19.91 2.62 -9.78
CA ASN B 258 20.85 1.52 -9.87
C ASN B 258 22.17 1.89 -10.54
N PHE B 259 22.30 3.10 -11.08
CA PHE B 259 23.48 3.47 -11.84
C PHE B 259 23.71 4.95 -11.62
N ARG B 260 24.94 5.32 -11.30
CA ARG B 260 25.28 6.73 -11.19
C ARG B 260 26.72 6.89 -11.66
N VAL B 261 27.01 8.05 -12.24
CA VAL B 261 28.33 8.34 -12.77
C VAL B 261 28.81 9.67 -12.20
N PHE B 262 30.02 9.68 -11.65
CA PHE B 262 30.57 10.87 -11.02
C PHE B 262 31.90 11.24 -11.64
N LEU B 263 32.08 12.51 -11.96
CA LEU B 263 33.34 13.04 -12.46
C LEU B 263 33.96 13.87 -11.34
N ASN B 264 35.07 13.40 -10.80
CA ASN B 264 35.62 13.93 -9.56
C ASN B 264 34.48 14.35 -8.64
N GLY B 265 33.62 13.38 -8.33
CA GLY B 265 32.63 13.60 -7.29
C GLY B 265 31.51 14.56 -7.61
N SER B 266 31.33 14.95 -8.87
CA SER B 266 30.16 15.70 -9.29
C SER B 266 29.29 14.80 -10.16
N LEU B 267 27.98 14.83 -9.92
CA LEU B 267 27.06 13.94 -10.61
C LEU B 267 26.92 14.33 -12.08
N ILE B 268 26.83 13.33 -12.95
CA ILE B 268 26.81 13.62 -14.38
C ILE B 268 26.05 12.55 -15.18
N LEU B 269 25.39 11.61 -14.51
CA LEU B 269 24.53 10.73 -15.28
C LEU B 269 23.32 10.25 -14.49
N GLY B 270 23.52 9.76 -13.25
CA GLY B 270 22.42 9.20 -12.49
C GLY B 270 21.52 10.24 -11.85
N GLY B 271 20.46 9.74 -11.19
CA GLY B 271 19.61 10.60 -10.39
C GLY B 271 20.24 10.89 -9.06
N SER B 272 19.78 11.96 -8.40
CA SER B 272 20.42 12.48 -7.21
C SER B 272 19.52 12.33 -6.00
N GLY B 273 19.97 11.57 -5.00
CA GLY B 273 19.18 11.23 -3.82
C GLY B 273 17.88 10.53 -4.14
N GLU B 274 17.64 10.22 -5.41
CA GLU B 274 16.42 9.61 -5.92
C GLU B 274 16.71 8.95 -7.27
N SER B 275 15.80 8.09 -7.71
CA SER B 275 15.98 7.51 -9.04
C SER B 275 15.74 8.57 -10.11
N THR B 276 16.33 8.36 -11.30
CA THR B 276 16.14 9.25 -12.45
C THR B 276 15.50 8.54 -13.63
N GLY B 277 15.06 9.33 -14.61
CA GLY B 277 14.39 8.80 -15.77
C GLY B 277 15.34 8.30 -16.84
N ARG B 278 14.72 7.80 -17.91
CA ARG B 278 15.47 7.22 -19.02
C ARG B 278 16.41 8.26 -19.61
N THR B 279 17.54 7.77 -20.13
CA THR B 279 18.56 8.67 -20.65
C THR B 279 18.21 8.95 -22.10
N SER B 280 17.66 10.15 -22.34
CA SER B 280 17.34 10.64 -23.65
C SER B 280 18.62 11.04 -24.35
N PRO B 281 18.53 11.40 -25.63
CA PRO B 281 19.72 11.90 -26.34
C PRO B 281 20.19 13.25 -25.80
N GLU B 282 19.29 14.17 -25.52
CA GLU B 282 19.65 15.39 -24.80
C GLU B 282 20.61 15.07 -23.65
N ILE B 283 20.16 14.19 -22.74
CA ILE B 283 21.02 13.68 -21.67
C ILE B 283 22.26 12.98 -22.26
N GLY B 284 22.06 12.16 -23.29
CA GLY B 284 23.15 11.35 -23.79
C GLY B 284 24.31 12.14 -24.34
N TYR B 285 24.02 13.18 -25.14
CA TYR B 285 25.08 14.06 -25.63
C TYR B 285 25.80 14.73 -24.46
N ALA B 286 25.03 15.27 -23.51
CA ALA B 286 25.63 15.92 -22.34
C ALA B 286 26.56 14.98 -21.58
N PHE B 287 26.25 13.68 -21.53
CA PHE B 287 27.17 12.74 -20.91
C PHE B 287 28.49 12.71 -21.68
N GLU B 288 28.41 12.39 -22.98
CA GLU B 288 29.59 12.24 -23.82
C GLU B 288 30.49 13.46 -23.78
N ASP B 289 29.90 14.65 -23.85
CA ASP B 289 30.67 15.87 -23.68
C ASP B 289 31.46 15.88 -22.37
N ALA B 290 30.90 15.30 -21.30
CA ALA B 290 31.63 15.26 -20.04
C ALA B 290 32.69 14.16 -20.00
N LEU B 291 32.68 13.25 -20.97
CA LEU B 291 33.72 12.22 -21.06
C LEU B 291 34.99 12.71 -21.74
N LYS B 292 34.97 13.89 -22.38
CA LYS B 292 36.17 14.43 -23.01
C LYS B 292 37.11 14.98 -21.94
N GLY B 293 38.39 14.72 -22.12
CA GLY B 293 39.37 14.90 -21.06
C GLY B 293 39.68 13.63 -20.31
N PHE B 294 39.13 12.50 -20.74
CA PHE B 294 39.34 11.22 -20.06
C PHE B 294 39.34 10.07 -21.06
N ILE B 295 38.27 9.92 -21.84
CA ILE B 295 38.18 8.90 -22.89
C ILE B 295 38.48 9.57 -24.23
N GLN B 296 39.66 9.28 -24.77
CA GLN B 296 40.13 9.88 -26.02
C GLN B 296 39.51 9.14 -27.20
N SER B 297 38.39 9.68 -27.71
CA SER B 297 37.88 9.30 -29.02
C SER B 297 37.07 10.48 -29.56
N GLU B 298 36.63 10.34 -30.81
CA GLU B 298 35.89 11.43 -31.44
C GLU B 298 34.47 11.50 -30.87
N ASP B 299 33.85 12.67 -31.04
CA ASP B 299 32.48 12.86 -30.59
C ASP B 299 31.61 11.70 -31.07
N GLY B 300 30.75 11.22 -30.17
CA GLY B 300 29.87 10.12 -30.49
C GLY B 300 30.46 8.73 -30.33
N HIS B 301 31.62 8.61 -29.69
CA HIS B 301 32.15 7.29 -29.39
C HIS B 301 32.76 7.17 -28.01
N ARG B 302 32.94 8.28 -27.29
CA ARG B 302 33.47 8.21 -25.93
C ARG B 302 32.66 7.26 -25.07
N THR B 303 31.34 7.46 -25.00
CA THR B 303 30.54 6.74 -24.02
C THR B 303 30.40 5.26 -24.37
N GLU B 304 30.21 4.91 -25.65
CA GLU B 304 30.25 3.49 -25.99
C GLU B 304 31.58 2.86 -25.62
N CYS B 305 32.65 3.66 -25.55
CA CYS B 305 33.91 3.20 -24.96
C CYS B 305 33.82 3.12 -23.45
N PHE B 306 33.11 4.07 -22.84
CA PHE B 306 33.02 4.14 -21.38
C PHE B 306 32.30 2.91 -20.81
N LEU B 307 31.08 2.64 -21.28
CA LEU B 307 30.36 1.47 -20.79
C LEU B 307 31.16 0.20 -21.05
N GLN B 308 31.96 0.19 -22.12
CA GLN B 308 32.84 -0.93 -22.38
C GLN B 308 33.83 -1.12 -21.24
N LEU B 309 34.47 -0.02 -20.82
CA LEU B 309 35.45 -0.05 -19.73
C LEU B 309 34.79 -0.48 -18.43
N VAL B 310 33.69 0.20 -18.06
CA VAL B 310 32.94 -0.19 -16.86
C VAL B 310 32.61 -1.68 -16.90
N SER B 311 32.05 -2.13 -18.03
CA SER B 311 31.70 -3.54 -18.18
C SER B 311 32.91 -4.43 -17.89
N ASP B 312 34.08 -4.02 -18.36
CA ASP B 312 35.27 -4.83 -18.15
C ASP B 312 35.75 -4.73 -16.71
N ALA B 313 35.65 -3.55 -16.10
CA ALA B 313 36.05 -3.36 -14.71
C ALA B 313 34.95 -3.80 -13.74
N VAL B 314 34.19 -4.82 -14.13
CA VAL B 314 33.19 -5.41 -13.26
C VAL B 314 33.31 -6.91 -13.44
N TYR B 315 33.35 -7.36 -14.70
CA TYR B 315 33.72 -8.74 -14.98
C TYR B 315 35.14 -9.04 -14.49
N GLY B 316 36.05 -8.08 -14.64
CA GLY B 316 37.44 -8.26 -14.27
C GLY B 316 37.63 -8.47 -12.78
N SER B 317 37.50 -7.39 -11.99
CA SER B 317 37.53 -7.44 -10.53
C SER B 317 36.95 -8.72 -9.91
N GLY B 318 35.89 -9.25 -10.54
CA GLY B 318 35.17 -10.37 -9.98
C GLY B 318 34.48 -10.09 -8.67
N VAL B 319 34.36 -8.82 -8.29
CA VAL B 319 33.73 -8.48 -7.03
C VAL B 319 32.29 -8.99 -6.97
N LEU B 320 31.67 -9.31 -8.11
CA LEU B 320 30.27 -9.71 -8.08
C LEU B 320 30.07 -11.17 -7.65
N ASP B 321 31.12 -11.96 -7.50
CA ASP B 321 30.95 -13.37 -7.17
C ASP B 321 30.77 -13.56 -5.67
N ARG B 322 31.65 -12.95 -4.87
CA ARG B 322 31.53 -13.01 -3.41
C ARG B 322 30.23 -12.37 -2.93
N LEU B 323 29.79 -11.31 -3.62
CA LEU B 323 28.53 -10.68 -3.26
C LEU B 323 27.34 -11.60 -3.53
N LEU B 324 27.34 -12.32 -4.66
CA LEU B 324 26.21 -13.20 -4.96
C LEU B 324 26.15 -14.36 -3.99
N GLU B 325 27.31 -14.81 -3.47
CA GLU B 325 27.31 -15.85 -2.46
C GLU B 325 26.58 -15.40 -1.21
N ILE B 326 26.83 -14.17 -0.77
CA ILE B 326 26.17 -13.64 0.41
C ILE B 326 24.67 -13.56 0.18
N GLN B 327 24.27 -12.89 -0.91
CA GLN B 327 22.86 -12.81 -1.30
C GLN B 327 22.18 -14.17 -1.19
N LYS B 328 22.85 -15.24 -1.59
CA LYS B 328 22.33 -16.60 -1.59
C LYS B 328 22.23 -17.23 -0.22
N LEU B 329 22.61 -16.50 0.85
CA LEU B 329 22.40 -17.00 2.21
C LEU B 329 20.92 -17.12 2.53
N ASP B 330 20.08 -16.40 1.80
CA ASP B 330 18.63 -16.57 1.76
C ASP B 330 18.27 -17.87 1.03
N LYS B 331 18.46 -18.99 1.73
CA LYS B 331 18.26 -20.33 1.15
C LYS B 331 16.79 -20.64 0.84
N LEU B 332 15.87 -20.18 1.67
CA LEU B 332 14.50 -20.68 1.60
C LEU B 332 13.51 -19.66 1.06
N ASP B 333 13.95 -18.44 0.74
CA ASP B 333 13.06 -17.37 0.32
C ASP B 333 12.21 -16.86 1.48
N ILE B 334 11.81 -15.59 1.43
CA ILE B 334 10.96 -15.05 2.48
C ILE B 334 9.78 -15.96 2.76
N GLU B 335 9.23 -16.57 1.72
CA GLU B 335 8.07 -17.44 1.86
C GLU B 335 8.35 -18.63 2.76
N GLY B 336 9.58 -19.09 2.81
CA GLY B 336 9.92 -20.16 3.73
C GLY B 336 10.45 -19.63 5.04
N ALA B 337 11.13 -18.50 5.02
CA ALA B 337 11.87 -18.06 6.18
C ALA B 337 11.00 -17.38 7.22
N ILE B 338 9.84 -16.84 6.82
CA ILE B 338 8.95 -16.16 7.77
C ILE B 338 8.42 -17.13 8.83
N HIS B 339 8.35 -18.42 8.54
CA HIS B 339 7.91 -19.36 9.57
C HIS B 339 8.94 -19.45 10.69
N CYS B 340 10.23 -19.37 10.35
CA CYS B 340 11.27 -19.28 11.37
C CYS B 340 11.18 -17.97 12.11
N TYR B 341 10.95 -16.89 11.37
CA TYR B 341 10.78 -15.59 12.01
C TYR B 341 9.83 -15.69 13.20
N TYR B 342 8.66 -16.34 13.02
CA TYR B 342 7.66 -16.42 14.09
C TYR B 342 8.06 -17.33 15.23
N ASP B 343 8.97 -18.27 15.01
CA ASP B 343 9.54 -18.99 16.13
C ASP B 343 10.53 -18.12 16.90
N ILE B 344 11.37 -17.37 16.18
CA ILE B 344 12.37 -16.52 16.80
C ILE B 344 11.72 -15.51 17.74
N ILE B 345 10.81 -14.69 17.21
CA ILE B 345 10.05 -13.71 17.99
C ILE B 345 9.03 -14.43 18.87
N ASN B 346 9.01 -15.76 18.80
CA ASN B 346 8.27 -16.57 19.75
C ASN B 346 6.78 -16.26 19.72
N GLN B 347 6.10 -16.77 18.73
CA GLN B 347 4.70 -16.43 18.61
C GLN B 347 4.06 -17.32 17.55
N PRO B 348 2.92 -17.93 17.85
CA PRO B 348 2.30 -18.84 16.87
C PRO B 348 2.35 -18.30 15.45
N CYS B 349 2.68 -19.18 14.53
CA CYS B 349 2.74 -18.80 13.13
C CYS B 349 1.36 -18.36 12.68
N PRO B 350 1.21 -17.13 12.18
CA PRO B 350 -0.04 -16.75 11.49
C PRO B 350 -0.09 -17.21 10.06
N ILE B 351 1.04 -17.62 9.48
CA ILE B 351 1.06 -18.16 8.12
C ILE B 351 0.51 -19.58 8.10
N CYS B 352 0.68 -20.33 9.19
CA CYS B 352 0.25 -21.72 9.20
C CYS B 352 -1.24 -21.79 9.53
N LYS B 353 -2.04 -21.74 8.45
CA LYS B 353 -3.49 -21.94 8.50
C LYS B 353 -3.77 -23.41 8.78
N GLU B 354 -3.98 -23.75 10.05
CA GLU B 354 -4.10 -25.15 10.49
C GLU B 354 -5.54 -25.68 10.41
N GLU B 361 3.24 -25.79 9.13
CA GLU B 361 4.39 -26.63 8.80
C GLU B 361 4.41 -27.88 9.63
N LEU B 362 5.60 -28.43 9.72
CA LEU B 362 5.89 -29.44 10.73
C LEU B 362 7.32 -29.84 10.45
N SER B 363 7.89 -29.19 9.43
CA SER B 363 9.30 -29.31 9.09
C SER B 363 10.07 -28.06 9.51
N LEU B 364 9.74 -26.91 8.92
CA LEU B 364 10.33 -25.66 9.36
C LEU B 364 10.19 -25.47 10.87
N HIS B 365 8.96 -25.60 11.39
CA HIS B 365 8.72 -25.33 12.80
C HIS B 365 9.23 -26.43 13.71
N ALA B 366 9.71 -27.54 13.15
CA ALA B 366 10.35 -28.59 13.94
C ALA B 366 11.88 -28.45 13.98
N LEU B 367 12.41 -27.36 13.46
CA LEU B 367 13.84 -27.17 13.51
C LEU B 367 14.31 -26.84 14.94
N PRO B 368 15.51 -27.26 15.31
CA PRO B 368 16.06 -26.84 16.60
C PRO B 368 16.29 -25.34 16.58
N LEU B 369 16.07 -24.69 17.72
CA LEU B 369 16.11 -23.23 17.74
C LEU B 369 17.36 -22.67 17.09
N ASP B 370 18.48 -23.38 17.19
CA ASP B 370 19.71 -22.87 16.59
C ASP B 370 19.58 -22.71 15.09
N GLU B 371 18.97 -23.69 14.42
CA GLU B 371 18.78 -23.52 12.99
C GLU B 371 17.81 -22.37 12.71
N SER B 372 16.68 -22.33 13.43
CA SER B 372 15.76 -21.22 13.24
C SER B 372 16.48 -19.89 13.33
N LEU B 373 17.36 -19.72 14.32
CA LEU B 373 18.08 -18.46 14.43
C LEU B 373 19.09 -18.29 13.29
N LYS B 374 19.77 -19.37 12.91
CA LYS B 374 20.67 -19.31 11.77
C LYS B 374 19.95 -18.83 10.50
N ILE B 375 18.79 -19.42 10.20
CA ILE B 375 18.10 -19.07 8.97
C ILE B 375 17.72 -17.60 8.93
N VAL B 376 17.27 -17.04 10.07
CA VAL B 376 16.80 -15.65 10.10
C VAL B 376 17.98 -14.68 10.11
N LYS B 377 19.07 -15.01 10.79
CA LYS B 377 20.25 -14.17 10.63
C LYS B 377 20.69 -14.11 9.18
N GLU B 378 20.68 -15.24 8.49
CA GLU B 378 21.26 -15.26 7.17
C GLU B 378 20.34 -14.59 6.16
N TYR B 379 19.02 -14.79 6.28
CA TYR B 379 18.11 -14.00 5.46
C TYR B 379 18.34 -12.51 5.65
N LEU B 380 18.78 -12.11 6.84
CA LEU B 380 19.08 -10.71 7.08
C LEU B 380 20.46 -10.33 6.55
N ILE B 381 21.43 -11.23 6.57
CA ILE B 381 22.69 -10.85 5.94
C ILE B 381 22.54 -10.94 4.42
N ALA B 382 21.66 -11.81 3.93
CA ALA B 382 21.40 -11.82 2.49
C ALA B 382 20.73 -10.53 2.06
N ALA B 383 19.78 -10.04 2.86
CA ALA B 383 19.13 -8.77 2.58
C ALA B 383 20.14 -7.63 2.53
N THR B 384 21.09 -7.58 3.46
CA THR B 384 22.11 -6.52 3.43
C THR B 384 22.84 -6.50 2.10
N ALA B 385 23.14 -7.69 1.55
CA ALA B 385 23.88 -7.79 0.30
C ALA B 385 23.02 -7.43 -0.90
N LYS B 386 21.71 -7.65 -0.81
CA LYS B 386 20.81 -7.24 -1.87
C LYS B 386 20.57 -5.73 -1.91
N ASP B 387 20.96 -4.97 -0.89
CA ASP B 387 20.72 -3.53 -0.89
C ASP B 387 21.99 -2.71 -0.98
N CYS B 388 23.16 -3.34 -0.91
CA CYS B 388 24.38 -2.56 -1.01
C CYS B 388 24.62 -2.11 -2.45
N SER B 389 25.64 -1.28 -2.63
CA SER B 389 26.12 -0.91 -3.94
C SER B 389 27.63 -1.08 -3.99
N ILE B 390 28.14 -1.19 -5.22
CA ILE B 390 29.57 -1.15 -5.52
C ILE B 390 29.90 0.21 -6.10
N MET B 391 31.15 0.60 -5.92
CA MET B 391 31.68 1.83 -6.49
C MET B 391 33.03 1.51 -7.08
N ILE B 392 33.17 1.72 -8.39
CA ILE B 392 34.39 1.48 -9.14
C ILE B 392 34.91 2.85 -9.53
N SER B 393 36.04 3.26 -8.95
CA SER B 393 36.64 4.54 -9.27
C SER B 393 37.79 4.37 -10.26
N PHE B 394 37.89 5.30 -11.20
CA PHE B 394 38.71 5.16 -12.40
C PHE B 394 39.75 6.28 -12.48
N GLN B 395 40.98 5.89 -12.79
CA GLN B 395 42.11 6.82 -12.88
C GLN B 395 42.84 6.60 -14.20
N SER B 396 43.48 7.68 -14.65
CA SER B 396 44.24 7.71 -15.91
C SER B 396 45.22 6.53 -16.03
N ASP B 407 45.28 -4.19 -10.91
CA ASP B 407 43.92 -3.79 -11.30
C ASP B 407 43.89 -2.68 -12.33
N TYR B 408 43.56 -3.03 -13.57
CA TYR B 408 43.61 -2.08 -14.67
C TYR B 408 42.86 -2.65 -15.86
N VAL B 409 42.25 -1.75 -16.62
CA VAL B 409 41.60 -2.11 -17.88
C VAL B 409 42.43 -1.53 -19.02
N SER B 410 42.59 -2.30 -20.07
CA SER B 410 43.29 -1.85 -21.26
C SER B 410 42.24 -1.51 -22.31
N LEU B 411 41.73 -0.27 -22.27
CA LEU B 411 40.70 0.17 -23.20
C LEU B 411 41.21 0.17 -24.64
N LYS B 412 41.24 -1.01 -25.26
CA LYS B 412 41.90 -1.13 -26.57
C LYS B 412 41.32 -0.24 -27.66
N PRO B 413 39.99 -0.03 -27.75
CA PRO B 413 39.47 0.88 -28.80
C PRO B 413 40.17 2.23 -28.82
N THR B 414 40.47 2.78 -27.64
CA THR B 414 41.18 4.05 -27.51
C THR B 414 42.67 3.89 -27.27
N ASN B 415 43.14 2.67 -27.00
CA ASN B 415 44.51 2.40 -26.57
C ASN B 415 44.91 3.33 -25.42
N GLN B 416 44.20 3.15 -24.29
CA GLN B 416 44.52 3.79 -23.02
C GLN B 416 44.60 2.71 -21.96
N THR B 417 45.14 3.06 -20.79
CA THR B 417 45.19 2.15 -19.65
C THR B 417 44.58 2.81 -18.43
N PHE B 418 43.72 2.06 -17.73
CA PHE B 418 42.97 2.58 -16.60
C PHE B 418 43.19 1.69 -15.39
N ASP B 419 43.55 2.32 -14.28
CA ASP B 419 43.67 1.65 -12.99
C ASP B 419 42.40 1.92 -12.19
N TYR B 420 41.83 0.86 -11.61
CA TYR B 420 40.51 0.94 -10.99
C TYR B 420 40.52 0.23 -9.64
N LYS B 421 39.60 0.65 -8.78
CA LYS B 421 39.42 0.06 -7.46
C LYS B 421 37.94 0.05 -7.10
N VAL B 422 37.43 -1.11 -6.68
CA VAL B 422 36.01 -1.29 -6.36
C VAL B 422 35.84 -1.30 -4.84
N HIS B 423 34.72 -0.74 -4.36
CA HIS B 423 34.40 -0.72 -2.93
C HIS B 423 32.93 -0.99 -2.69
N PHE B 424 32.65 -1.95 -1.81
CA PHE B 424 31.27 -2.13 -1.34
C PHE B 424 30.90 -1.00 -0.40
N ILE B 425 29.65 -0.54 -0.51
CA ILE B 425 29.12 0.50 0.35
C ILE B 425 27.70 0.11 0.78
N ASP B 426 27.15 0.86 1.71
CA ASP B 426 25.83 0.62 2.31
C ASP B 426 25.62 -0.83 2.66
N LEU B 427 26.41 -1.27 3.63
CA LEU B 427 26.23 -2.56 4.26
C LEU B 427 25.53 -2.39 5.61
N SER B 428 24.31 -1.83 5.57
CA SER B 428 23.53 -1.59 6.79
C SER B 428 22.87 -2.87 7.28
N LEU B 429 22.89 -3.08 8.60
CA LEU B 429 22.05 -4.12 9.18
C LEU B 429 20.59 -3.81 8.90
N LYS B 430 19.81 -4.89 8.50
CA LYS B 430 18.37 -4.68 8.33
C LYS B 430 17.63 -4.95 9.65
N PRO B 431 16.64 -4.12 10.04
CA PRO B 431 15.81 -4.44 11.21
C PRO B 431 15.02 -5.72 11.03
N LEU B 432 15.08 -6.58 12.06
CA LEU B 432 14.42 -7.88 12.09
C LEU B 432 12.89 -7.78 11.99
N LYS B 433 12.27 -6.73 12.54
CA LYS B 433 10.82 -6.58 12.46
C LYS B 433 10.36 -6.40 11.02
N ARG B 434 11.20 -5.73 10.22
CA ARG B 434 11.03 -5.62 8.78
C ARG B 434 10.80 -6.95 8.08
N MET B 435 11.11 -8.09 8.71
CA MET B 435 10.81 -9.39 8.10
C MET B 435 9.36 -9.52 7.67
N GLU B 436 8.44 -9.03 8.50
CA GLU B 436 7.03 -9.12 8.16
C GLU B 436 6.69 -8.28 6.96
N SER B 437 7.39 -7.15 6.78
CA SER B 437 7.20 -6.35 5.57
C SER B 437 7.78 -7.04 4.35
N TYR B 438 8.97 -7.63 4.47
CA TYR B 438 9.50 -8.41 3.38
C TYR B 438 8.53 -9.50 2.94
N TYR B 439 7.67 -9.96 3.83
CA TYR B 439 6.68 -10.96 3.44
C TYR B 439 5.44 -10.34 2.79
N LYS B 440 4.93 -9.24 3.36
CA LYS B 440 3.82 -8.51 2.73
C LYS B 440 4.15 -8.06 1.32
N LEU B 441 5.35 -7.48 1.13
CA LEU B 441 5.71 -7.03 -0.22
C LEU B 441 5.95 -8.20 -1.17
N ASP B 442 6.69 -9.22 -0.74
CA ASP B 442 6.79 -10.41 -1.58
C ASP B 442 5.43 -10.84 -2.12
N LYS B 443 4.50 -11.13 -1.21
CA LYS B 443 3.19 -11.61 -1.64
C LYS B 443 2.56 -10.64 -2.65
N LYS B 444 2.67 -9.34 -2.38
CA LYS B 444 2.12 -8.33 -3.28
C LYS B 444 2.77 -8.41 -4.66
N ILE B 445 4.10 -8.53 -4.72
CA ILE B 445 4.80 -8.54 -5.99
C ILE B 445 4.34 -9.71 -6.85
N ILE B 446 4.38 -10.92 -6.30
CA ILE B 446 3.98 -12.07 -7.12
C ILE B 446 2.51 -11.97 -7.47
N SER B 447 1.71 -11.42 -6.56
CA SER B 447 0.27 -11.34 -6.78
C SER B 447 -0.06 -10.37 -7.91
N PHE B 448 0.66 -9.25 -8.00
CA PHE B 448 0.42 -8.34 -9.10
C PHE B 448 0.94 -8.94 -10.40
N TYR B 449 2.17 -9.43 -10.38
CA TYR B 449 2.70 -10.00 -11.60
C TYR B 449 1.80 -11.09 -12.13
N ASN B 450 1.13 -11.84 -11.24
CA ASN B 450 0.24 -12.89 -11.71
C ASN B 450 -1.02 -12.34 -12.34
N ARG B 451 -1.53 -11.20 -11.86
CA ARG B 451 -2.72 -10.60 -12.46
C ARG B 451 -2.39 -9.89 -13.77
N LYS B 452 -1.19 -9.30 -13.89
CA LYS B 452 -0.78 -8.64 -15.12
C LYS B 452 -0.47 -9.63 -16.22
N GLN B 453 -0.54 -10.93 -15.93
CA GLN B 453 -0.15 -11.93 -16.91
C GLN B 453 -1.27 -12.96 -17.08
N LYS B 454 -2.09 -13.15 -16.05
CA LYS B 454 -3.38 -13.82 -16.23
C LYS B 454 -4.33 -12.92 -17.02
N ALA B 455 -3.82 -11.77 -17.50
CA ALA B 455 -4.60 -10.70 -18.09
C ALA B 455 -4.17 -10.54 -19.54
N GLU B 456 -4.71 -11.40 -20.40
CA GLU B 456 -4.45 -11.32 -21.84
C GLU B 456 -5.35 -12.29 -22.62
#